data_5GZL
#
_entry.id   5GZL
#
_cell.length_a   63.094
_cell.length_b   92.825
_cell.length_c   117.875
_cell.angle_alpha   90.00
_cell.angle_beta   90.00
_cell.angle_gamma   90.00
#
_symmetry.space_group_name_H-M   'P 21 21 21'
#
loop_
_entity.id
_entity.type
_entity.pdbx_description
1 polymer 'Lysine cyclodeaminase'
2 non-polymer NICOTINAMIDE-ADENINE-DINUCLEOTIDE
3 non-polymer LYSINE
4 water water
#
_entity_poly.entity_id   1
_entity_poly.type   'polypeptide(L)'
_entity_poly.pdbx_seq_one_letter_code
;RGSHMETWVLGRRDVAEVVAAVGRDELMRRIIDRLTGGLAEIGRGERHLSPLRGGLERSEPVPGIWEWMPHREPGDHITL
KTVGYSPANPARFGLPTILGTVARYDDTTGALTALMDGVLLTALRTGAASAVASRLLARPDSHTLGLIGTGAQAVTQLHA
LSLVLPLQRALVWDTDPAHRESFARRAAFTGVSVEIAEPARIAAEADVISTATSVAVGQGPVLPDTGVREHLHINAVGAD
LVGKTELPLGLLERAFVTADHPEQALREGECQQLSADRLGPQLAHLCADPAAAAGRQDTLSVFDSTGFAFEDALAMEVFL
EAAAERDLGIRVGIEHHPGDALDPYALQPLPLPLAAPAH
;
_entity_poly.pdbx_strand_id   B,A
#
loop_
_chem_comp.id
_chem_comp.type
_chem_comp.name
_chem_comp.formula
NAD non-polymer NICOTINAMIDE-ADENINE-DINUCLEOTIDE 'C21 H27 N7 O14 P2'
#
# COMPACT_ATOMS: atom_id res chain seq x y z
N MET A 5 18.92 -10.14 -6.69
CA MET A 5 18.48 -8.72 -6.50
C MET A 5 17.97 -8.46 -5.09
N GLU A 6 18.32 -7.27 -4.58
CA GLU A 6 18.02 -6.79 -3.23
C GLU A 6 17.37 -5.43 -3.30
N THR A 7 16.65 -5.05 -2.24
CA THR A 7 16.05 -3.74 -2.16
C THR A 7 17.02 -2.60 -1.79
N TRP A 8 16.99 -1.53 -2.57
CA TRP A 8 17.78 -0.32 -2.23
C TRP A 8 17.00 0.54 -1.28
N VAL A 9 17.51 0.70 -0.05
CA VAL A 9 16.84 1.43 0.97
C VAL A 9 17.57 2.79 1.21
N LEU A 10 16.82 3.90 1.06
CA LEU A 10 17.23 5.26 1.45
C LEU A 10 16.53 5.79 2.74
N GLY A 11 17.24 5.75 3.82
CA GLY A 11 16.67 6.26 5.06
C GLY A 11 16.88 7.72 5.34
N ARG A 12 16.45 8.12 6.52
CA ARG A 12 16.47 9.48 6.88
C ARG A 12 17.89 10.07 6.70
N ARG A 13 18.90 9.26 6.90
CA ARG A 13 20.26 9.79 6.89
C ARG A 13 20.70 10.08 5.46
N ASP A 14 20.38 9.16 4.58
CA ASP A 14 20.65 9.34 3.16
C ASP A 14 19.89 10.50 2.54
N VAL A 15 18.64 10.65 2.93
CA VAL A 15 17.87 11.76 2.49
C VAL A 15 18.46 13.12 2.98
N ALA A 16 18.86 13.16 4.24
CA ALA A 16 19.58 14.32 4.76
C ALA A 16 20.82 14.60 3.94
N GLU A 17 21.58 13.57 3.64
CA GLU A 17 22.78 13.74 2.81
C GLU A 17 22.48 14.28 1.36
N VAL A 18 21.39 13.84 0.76
CA VAL A 18 20.99 14.41 -0.52
C VAL A 18 20.77 15.88 -0.37
N VAL A 19 20.00 16.29 0.64
CA VAL A 19 19.72 17.71 0.82
C VAL A 19 21.01 18.50 1.06
N ALA A 20 21.90 17.93 1.85
CA ALA A 20 23.12 18.63 2.18
C ALA A 20 24.00 18.77 0.93
N ALA A 21 24.04 17.78 0.07
CA ALA A 21 24.92 17.82 -1.10
C ALA A 21 24.31 18.65 -2.22
N VAL A 22 23.00 18.55 -2.44
CA VAL A 22 22.34 19.21 -3.59
C VAL A 22 21.98 20.63 -3.25
N GLY A 23 21.56 20.84 -2.01
CA GLY A 23 21.08 22.08 -1.50
C GLY A 23 19.54 22.15 -1.59
N ARG A 24 18.93 22.86 -0.65
CA ARG A 24 17.44 22.94 -0.61
C ARG A 24 16.83 23.55 -1.83
N ASP A 25 17.35 24.68 -2.32
CA ASP A 25 16.78 25.34 -3.48
C ASP A 25 16.87 24.51 -4.73
N GLU A 26 18.05 23.92 -4.96
CA GLU A 26 18.30 23.12 -6.12
C GLU A 26 17.44 21.87 -6.10
N LEU A 27 17.33 21.24 -4.95
CA LEU A 27 16.47 20.02 -4.85
C LEU A 27 15.00 20.37 -5.15
N MET A 28 14.51 21.45 -4.57
CA MET A 28 13.18 21.93 -4.88
C MET A 28 12.98 22.28 -6.33
N ARG A 29 13.94 22.94 -6.96
CA ARG A 29 13.83 23.26 -8.36
C ARG A 29 13.71 22.03 -9.24
N ARG A 30 14.55 21.04 -8.97
CA ARG A 30 14.51 19.77 -9.69
C ARG A 30 13.13 19.16 -9.58
N ILE A 31 12.53 19.22 -8.41
CA ILE A 31 11.21 18.62 -8.21
C ILE A 31 10.11 19.44 -8.97
N ILE A 32 10.16 20.77 -8.85
CA ILE A 32 9.33 21.67 -9.64
C ILE A 32 9.40 21.37 -11.11
N ASP A 33 10.64 21.24 -11.63
CA ASP A 33 10.85 20.93 -13.03
C ASP A 33 10.30 19.57 -13.44
N ARG A 34 10.56 18.55 -12.64
CA ARG A 34 10.10 17.21 -12.96
C ARG A 34 8.58 17.15 -12.96
N LEU A 35 7.94 17.79 -11.97
CA LEU A 35 6.52 17.81 -11.91
C LEU A 35 5.92 18.57 -13.06
N THR A 36 6.45 19.76 -13.37
CA THR A 36 5.95 20.54 -14.49
C THR A 36 5.97 19.72 -15.79
N GLY A 37 7.08 19.00 -16.01
CA GLY A 37 7.20 18.18 -17.22
C GLY A 37 6.25 16.97 -17.19
N GLY A 38 6.15 16.31 -16.06
CA GLY A 38 5.24 15.19 -15.90
C GLY A 38 3.80 15.55 -16.09
N LEU A 39 3.42 16.65 -15.47
CA LEU A 39 1.99 17.07 -15.54
C LEU A 39 1.67 17.44 -17.00
N ALA A 40 2.64 18.01 -17.72
CA ALA A 40 2.41 18.38 -19.12
C ALA A 40 2.24 17.10 -19.96
N GLU A 41 2.98 16.04 -19.63
CA GLU A 41 2.80 14.79 -20.27
C GLU A 41 1.39 14.19 -20.07
N ILE A 42 0.88 14.26 -18.86
CA ILE A 42 -0.49 13.90 -18.56
C ILE A 42 -1.41 14.76 -19.39
N GLY A 43 -1.15 16.06 -19.44
CA GLY A 43 -2.02 16.92 -20.21
C GLY A 43 -2.03 16.66 -21.72
N ARG A 44 -1.01 15.99 -22.24
CA ARG A 44 -0.97 15.58 -23.68
C ARG A 44 -1.44 14.15 -23.86
N GLY A 45 -1.82 13.48 -22.78
CA GLY A 45 -2.32 12.11 -22.83
C GLY A 45 -1.22 11.10 -22.93
N GLU A 46 0.02 11.50 -22.66
CA GLU A 46 1.13 10.57 -22.74
C GLU A 46 1.34 9.77 -21.49
N ARG A 47 0.82 10.29 -20.36
CA ARG A 47 0.82 9.57 -19.12
C ARG A 47 -0.55 9.80 -18.51
N HIS A 48 -0.86 9.07 -17.42
CA HIS A 48 -2.16 9.18 -16.80
C HIS A 48 -2.18 9.41 -15.31
N LEU A 49 -3.20 10.12 -14.83
CA LEU A 49 -3.38 10.31 -13.43
C LEU A 49 -3.42 8.97 -12.72
N SER A 50 -2.94 8.97 -11.47
CA SER A 50 -2.97 7.82 -10.60
C SER A 50 -4.41 7.42 -10.26
N PRO A 51 -4.65 6.14 -9.97
CA PRO A 51 -5.94 5.79 -9.43
C PRO A 51 -6.18 6.54 -8.12
N LEU A 52 -7.43 6.63 -7.70
CA LEU A 52 -7.84 7.29 -6.48
C LEU A 52 -7.13 6.62 -5.34
N ARG A 53 -6.57 7.38 -4.41
CA ARG A 53 -5.96 6.81 -3.25
C ARG A 53 -7.05 6.22 -2.31
N GLY A 54 -6.65 5.35 -1.42
CA GLY A 54 -7.56 4.77 -0.45
C GLY A 54 -7.01 4.96 0.95
N GLY A 55 -7.86 4.79 1.95
CA GLY A 55 -7.36 4.81 3.32
C GLY A 55 -8.26 4.29 4.37
N LEU A 56 -7.69 4.19 5.56
CA LEU A 56 -8.37 3.74 6.80
C LEU A 56 -8.48 4.87 7.76
N GLU A 57 -9.70 5.28 8.02
CA GLU A 57 -9.97 6.35 8.96
C GLU A 57 -9.71 5.87 10.39
N ARG A 58 -9.11 6.72 11.22
CA ARG A 58 -8.83 6.38 12.62
C ARG A 58 -9.39 7.51 13.48
N SER A 59 -10.24 7.16 14.43
CA SER A 59 -10.89 8.13 15.26
C SER A 59 -10.03 8.70 16.36
N GLU A 60 -9.10 7.92 16.86
CA GLU A 60 -8.24 8.31 17.94
C GLU A 60 -6.78 8.27 17.51
N PRO A 61 -5.82 9.11 18.10
CA PRO A 61 -6.28 9.96 19.22
C PRO A 61 -7.30 11.05 18.87
N VAL A 62 -7.12 11.65 17.72
CA VAL A 62 -8.06 12.55 17.16
C VAL A 62 -8.24 12.07 15.72
N PRO A 63 -9.27 12.48 15.06
CA PRO A 63 -9.51 11.83 13.79
C PRO A 63 -8.41 12.02 12.74
N GLY A 64 -7.98 10.91 12.19
CA GLY A 64 -6.91 10.87 11.17
C GLY A 64 -7.18 9.85 10.11
N ILE A 65 -6.21 9.64 9.23
CA ILE A 65 -6.40 8.59 8.19
C ILE A 65 -5.06 8.08 7.77
N TRP A 66 -4.95 6.80 7.52
CA TRP A 66 -3.73 6.21 7.01
C TRP A 66 -4.05 5.68 5.63
N GLU A 67 -3.28 6.09 4.66
CA GLU A 67 -3.62 5.90 3.26
C GLU A 67 -2.55 5.17 2.43
N TRP A 68 -3.01 4.60 1.33
CA TRP A 68 -2.12 3.96 0.34
C TRP A 68 -2.37 4.66 -0.98
N MET A 69 -1.28 4.93 -1.72
CA MET A 69 -1.32 5.74 -2.92
C MET A 69 -0.47 5.08 -4.00
N PRO A 70 -1.08 4.21 -4.83
CA PRO A 70 -0.37 3.57 -5.94
C PRO A 70 -0.30 4.38 -7.25
N HIS A 71 0.76 4.17 -8.02
CA HIS A 71 0.89 4.72 -9.35
C HIS A 71 1.71 3.75 -10.20
N ARG A 72 1.19 3.41 -11.38
CA ARG A 72 1.88 2.45 -12.25
C ARG A 72 2.36 3.20 -13.47
N GLU A 73 3.63 3.01 -13.80
CA GLU A 73 4.15 3.33 -15.11
C GLU A 73 4.35 1.99 -15.87
N PRO A 74 3.42 1.65 -16.76
CA PRO A 74 3.35 0.31 -17.32
C PRO A 74 4.63 -0.09 -17.98
N GLY A 75 5.13 -1.26 -17.66
CA GLY A 75 6.42 -1.76 -18.23
C GLY A 75 7.61 -1.30 -17.42
N ASP A 76 7.42 -0.30 -16.56
N ASP A 76 7.43 -0.29 -16.57
CA ASP A 76 8.54 0.25 -15.81
CA ASP A 76 8.55 0.24 -15.81
C ASP A 76 8.45 -0.11 -14.33
C ASP A 76 8.44 -0.12 -14.34
N HIS A 77 7.70 0.66 -13.56
CA HIS A 77 7.56 0.40 -12.14
C HIS A 77 6.29 0.89 -11.61
N ILE A 78 6.01 0.40 -10.44
CA ILE A 78 4.87 0.80 -9.64
C ILE A 78 5.38 1.48 -8.41
N THR A 79 4.84 2.65 -8.09
CA THR A 79 5.17 3.37 -6.87
C THR A 79 4.03 3.25 -5.90
N LEU A 80 4.35 3.08 -4.63
CA LEU A 80 3.34 3.10 -3.62
C LEU A 80 3.79 4.01 -2.52
N LYS A 81 3.04 5.09 -2.26
CA LYS A 81 3.28 5.82 -1.01
C LYS A 81 2.28 5.36 0.01
N THR A 82 2.79 5.05 1.19
CA THR A 82 1.99 4.76 2.36
C THR A 82 2.20 5.93 3.33
N VAL A 83 1.11 6.56 3.76
CA VAL A 83 1.18 7.80 4.45
C VAL A 83 0.02 8.02 5.44
N GLY A 84 0.40 8.37 6.69
CA GLY A 84 -0.55 8.70 7.77
C GLY A 84 -0.72 10.17 7.90
N TYR A 85 -1.96 10.55 8.19
CA TYR A 85 -2.22 11.91 8.67
C TYR A 85 -2.76 11.71 10.11
N SER A 86 -2.02 12.23 11.07
CA SER A 86 -2.29 12.01 12.51
C SER A 86 -2.00 13.31 13.21
N PRO A 87 -2.99 14.18 13.28
CA PRO A 87 -2.66 15.56 13.61
C PRO A 87 -2.35 15.84 15.10
N ALA A 88 -2.50 14.87 15.99
CA ALA A 88 -1.92 14.94 17.36
C ALA A 88 -0.44 14.57 17.47
N ASN A 89 0.17 14.03 16.39
CA ASN A 89 1.56 13.62 16.43
C ASN A 89 2.53 14.65 16.96
N PRO A 90 2.49 15.94 16.45
CA PRO A 90 3.52 16.88 16.88
C PRO A 90 3.52 17.12 18.41
N ALA A 91 2.39 17.45 18.95
CA ALA A 91 2.30 17.79 20.36
C ALA A 91 2.36 16.58 21.29
N ARG A 92 1.74 15.46 20.91
CA ARG A 92 1.79 14.28 21.75
C ARG A 92 3.04 13.44 21.65
N PHE A 93 3.66 13.36 20.48
CA PHE A 93 4.73 12.42 20.31
C PHE A 93 5.96 12.99 19.72
N GLY A 94 5.96 14.28 19.45
CA GLY A 94 7.09 14.87 18.75
C GLY A 94 7.31 14.34 17.33
N LEU A 95 6.27 13.80 16.73
CA LEU A 95 6.35 13.27 15.33
C LEU A 95 5.58 14.19 14.40
N PRO A 96 5.94 14.19 13.12
CA PRO A 96 5.12 14.99 12.21
C PRO A 96 3.74 14.37 12.05
N THR A 97 2.77 15.23 11.83
CA THR A 97 1.41 14.83 11.42
C THR A 97 1.41 13.90 10.19
N ILE A 98 2.21 14.26 9.18
CA ILE A 98 2.33 13.45 7.94
C ILE A 98 3.57 12.57 8.04
N LEU A 99 3.33 11.28 8.18
CA LEU A 99 4.39 10.31 8.32
C LEU A 99 4.17 9.21 7.24
N GLY A 100 5.16 9.03 6.39
CA GLY A 100 5.09 8.04 5.33
C GLY A 100 6.41 7.61 4.74
N THR A 101 6.27 6.69 3.80
CA THR A 101 7.36 6.05 3.12
C THR A 101 6.88 5.77 1.68
N VAL A 102 7.84 5.73 0.76
CA VAL A 102 7.59 5.49 -0.66
C VAL A 102 8.39 4.29 -1.12
N ALA A 103 7.68 3.35 -1.75
CA ALA A 103 8.29 2.13 -2.25
C ALA A 103 8.16 2.10 -3.75
N ARG A 104 9.13 1.45 -4.38
CA ARG A 104 9.06 1.15 -5.80
C ARG A 104 9.14 -0.36 -6.08
N TYR A 105 8.25 -0.84 -6.94
CA TYR A 105 8.18 -2.24 -7.34
C TYR A 105 8.39 -2.36 -8.85
N ASP A 106 9.17 -3.32 -9.27
CA ASP A 106 9.32 -3.57 -10.68
C ASP A 106 7.97 -3.97 -11.31
N ASP A 107 7.54 -3.28 -12.37
CA ASP A 107 6.26 -3.59 -12.98
C ASP A 107 6.16 -4.99 -13.57
N THR A 108 7.26 -5.47 -14.15
CA THR A 108 7.29 -6.77 -14.82
C THR A 108 7.17 -7.92 -13.81
N THR A 109 7.95 -7.86 -12.74
CA THR A 109 8.09 -9.01 -11.84
C THR A 109 7.38 -8.79 -10.53
N GLY A 110 7.07 -7.55 -10.19
CA GLY A 110 6.51 -7.27 -8.87
C GLY A 110 7.52 -6.99 -7.74
N ALA A 111 8.82 -7.19 -8.00
CA ALA A 111 9.82 -7.21 -6.96
C ALA A 111 9.97 -5.79 -6.32
N LEU A 112 10.12 -5.76 -5.02
CA LEU A 112 10.40 -4.49 -4.30
C LEU A 112 11.85 -4.07 -4.59
N THR A 113 12.04 -2.98 -5.33
CA THR A 113 13.35 -2.59 -5.70
C THR A 113 13.89 -1.39 -4.93
N ALA A 114 13.03 -0.53 -4.35
CA ALA A 114 13.54 0.64 -3.64
C ALA A 114 12.57 1.06 -2.61
N LEU A 115 13.10 1.53 -1.47
CA LEU A 115 12.25 1.99 -0.38
C LEU A 115 12.90 3.24 0.27
N MET A 116 12.11 4.28 0.55
CA MET A 116 12.69 5.53 1.10
C MET A 116 11.69 6.27 1.97
N ASP A 117 12.23 7.21 2.74
CA ASP A 117 11.45 8.13 3.52
C ASP A 117 10.45 8.80 2.59
N GLY A 118 9.25 9.06 3.11
CA GLY A 118 8.24 9.84 2.40
C GLY A 118 7.92 11.18 3.03
N VAL A 119 8.46 11.46 4.22
CA VAL A 119 8.14 12.68 4.93
C VAL A 119 8.68 13.91 4.23
N LEU A 120 9.99 13.97 4.01
CA LEU A 120 10.56 15.07 3.32
C LEU A 120 10.02 15.14 1.89
N LEU A 121 10.05 14.00 1.21
CA LEU A 121 9.63 13.96 -0.18
C LEU A 121 8.18 14.52 -0.31
N THR A 122 7.29 14.15 0.61
CA THR A 122 5.90 14.65 0.55
C THR A 122 5.93 16.18 0.63
N ALA A 123 6.67 16.72 1.59
CA ALA A 123 6.61 18.14 1.79
C ALA A 123 7.18 18.88 0.56
N LEU A 124 8.23 18.34 -0.02
CA LEU A 124 8.80 18.95 -1.21
C LEU A 124 7.86 18.93 -2.41
N ARG A 125 7.29 17.78 -2.74
CA ARG A 125 6.48 17.74 -3.93
C ARG A 125 5.16 18.48 -3.78
N THR A 126 4.74 18.69 -2.54
CA THR A 126 3.51 19.39 -2.22
C THR A 126 3.73 20.88 -2.35
N GLY A 127 4.86 21.37 -1.85
CA GLY A 127 5.33 22.73 -2.17
C GLY A 127 5.48 22.91 -3.68
N ALA A 128 6.17 21.97 -4.29
CA ALA A 128 6.37 22.08 -5.77
C ALA A 128 5.05 22.21 -6.56
N ALA A 129 4.04 21.38 -6.22
CA ALA A 129 2.77 21.41 -6.95
C ALA A 129 2.12 22.77 -6.82
N SER A 130 2.16 23.36 -5.62
CA SER A 130 1.62 24.72 -5.45
C SER A 130 2.41 25.70 -6.32
N ALA A 131 3.74 25.54 -6.40
CA ALA A 131 4.54 26.40 -7.25
C ALA A 131 4.16 26.27 -8.73
N VAL A 132 3.98 25.02 -9.19
CA VAL A 132 3.54 24.77 -10.57
C VAL A 132 2.25 25.52 -10.84
N ALA A 133 1.27 25.33 -9.97
CA ALA A 133 -0.04 25.94 -10.17
C ALA A 133 0.06 27.48 -10.07
N SER A 134 0.84 27.98 -9.11
CA SER A 134 0.89 29.41 -8.86
C SER A 134 1.59 30.20 -9.94
N ARG A 135 2.61 29.59 -10.53
CA ARG A 135 3.28 30.18 -11.66
C ARG A 135 2.31 30.38 -12.81
N LEU A 136 1.35 29.45 -12.98
CA LEU A 136 0.34 29.62 -14.00
C LEU A 136 -0.76 30.61 -13.65
N LEU A 137 -1.25 30.55 -12.40
CA LEU A 137 -2.47 31.20 -12.03
C LEU A 137 -2.34 32.44 -11.12
N ALA A 138 -1.16 32.70 -10.54
CA ALA A 138 -0.95 33.92 -9.77
C ALA A 138 -0.41 35.01 -10.68
N ARG A 139 -0.64 36.24 -10.30
CA ARG A 139 0.03 37.31 -10.97
C ARG A 139 1.53 37.12 -10.86
N PRO A 140 2.24 37.37 -11.96
CA PRO A 140 3.69 37.19 -11.91
C PRO A 140 4.41 38.19 -11.05
N ASP A 141 3.78 39.32 -10.71
CA ASP A 141 4.36 40.32 -9.82
C ASP A 141 3.87 40.17 -8.37
N SER A 142 3.30 39.01 -8.02
CA SER A 142 2.82 38.74 -6.63
C SER A 142 3.92 38.97 -5.58
N HIS A 143 3.63 39.79 -4.60
CA HIS A 143 4.59 40.18 -3.56
C HIS A 143 4.24 39.70 -2.17
N THR A 144 2.97 39.46 -1.89
CA THR A 144 2.53 39.09 -0.56
C THR A 144 1.92 37.70 -0.58
N LEU A 145 2.56 36.77 0.15
CA LEU A 145 2.00 35.43 0.31
C LEU A 145 1.29 35.40 1.64
N GLY A 146 0.09 34.80 1.66
CA GLY A 146 -0.58 34.47 2.88
C GLY A 146 -0.52 32.97 3.15
N LEU A 147 -0.25 32.60 4.39
CA LEU A 147 -0.30 31.20 4.82
C LEU A 147 -1.29 31.01 5.94
N ILE A 148 -2.28 30.11 5.76
CA ILE A 148 -3.13 29.74 6.82
C ILE A 148 -2.76 28.33 7.18
N GLY A 149 -2.35 28.15 8.44
CA GLY A 149 -1.71 26.93 8.85
C GLY A 149 -0.21 27.07 8.70
N THR A 150 0.53 27.07 9.81
CA THR A 150 1.98 27.25 9.75
C THR A 150 2.69 26.04 10.35
N GLY A 151 2.26 24.83 10.00
CA GLY A 151 2.98 23.61 10.40
C GLY A 151 3.99 23.20 9.34
N ALA A 152 4.06 21.89 9.10
CA ALA A 152 5.10 21.36 8.23
C ALA A 152 4.94 21.79 6.76
N GLN A 153 3.73 21.66 6.20
CA GLN A 153 3.60 21.97 4.77
C GLN A 153 3.83 23.45 4.50
N ALA A 154 3.47 24.31 5.44
CA ALA A 154 3.69 25.75 5.26
C ALA A 154 5.10 26.08 4.90
N VAL A 155 6.02 25.38 5.53
CA VAL A 155 7.45 25.64 5.31
C VAL A 155 7.80 25.42 3.85
N THR A 156 7.33 24.31 3.25
CA THR A 156 7.60 24.07 1.83
C THR A 156 6.68 24.84 0.86
N GLN A 157 5.48 25.21 1.28
CA GLN A 157 4.69 26.14 0.48
C GLN A 157 5.48 27.44 0.30
N LEU A 158 5.99 27.99 1.40
CA LEU A 158 6.75 29.23 1.33
C LEU A 158 7.99 29.04 0.50
N HIS A 159 8.75 27.98 0.78
CA HIS A 159 9.98 27.81 0.05
C HIS A 159 9.75 27.73 -1.46
N ALA A 160 8.87 26.83 -1.87
CA ALA A 160 8.60 26.65 -3.31
C ALA A 160 8.05 27.89 -3.98
N LEU A 161 7.10 28.54 -3.34
CA LEU A 161 6.55 29.74 -3.89
C LEU A 161 7.60 30.89 -3.95
N SER A 162 8.50 30.97 -2.98
CA SER A 162 9.57 31.96 -3.03
C SER A 162 10.49 31.77 -4.22
N LEU A 163 10.59 30.55 -4.72
CA LEU A 163 11.40 30.28 -5.91
C LEU A 163 10.73 30.65 -7.22
N VAL A 164 9.40 30.72 -7.29
CA VAL A 164 8.73 31.01 -8.56
C VAL A 164 8.05 32.37 -8.65
N LEU A 165 7.89 33.06 -7.52
CA LEU A 165 7.23 34.35 -7.49
C LEU A 165 8.13 35.32 -6.74
N PRO A 166 8.06 36.62 -7.07
CA PRO A 166 8.91 37.62 -6.40
C PRO A 166 8.36 38.03 -5.03
N LEU A 167 8.18 37.06 -4.15
CA LEU A 167 7.58 37.31 -2.86
C LEU A 167 8.52 38.18 -1.97
N GLN A 168 7.95 39.18 -1.34
CA GLN A 168 8.60 40.11 -0.45
C GLN A 168 8.22 39.85 1.01
N ARG A 169 7.04 39.28 1.27
CA ARG A 169 6.64 39.03 2.65
C ARG A 169 5.60 37.93 2.69
N ALA A 170 5.50 37.30 3.85
CA ALA A 170 4.48 36.28 4.11
C ALA A 170 3.70 36.73 5.34
N LEU A 171 2.38 36.83 5.19
CA LEU A 171 1.46 37.09 6.31
C LEU A 171 0.90 35.74 6.73
N VAL A 172 1.09 35.39 7.99
CA VAL A 172 0.81 34.03 8.42
C VAL A 172 -0.12 33.92 9.61
N TRP A 173 -0.88 32.83 9.65
CA TRP A 173 -1.75 32.54 10.79
C TRP A 173 -1.87 31.03 11.06
N ASP A 174 -1.96 30.72 12.34
CA ASP A 174 -2.24 29.39 12.81
C ASP A 174 -3.14 29.56 14.03
N THR A 175 -4.04 28.63 14.27
CA THR A 175 -4.86 28.71 15.51
C THR A 175 -4.06 28.31 16.74
N ASP A 176 -2.89 27.69 16.59
CA ASP A 176 -1.99 27.43 17.69
C ASP A 176 -0.95 28.52 17.78
N PRO A 177 -0.99 29.35 18.85
CA PRO A 177 -0.03 30.45 19.00
C PRO A 177 1.42 30.03 18.93
N ALA A 178 1.77 28.90 19.51
CA ALA A 178 3.17 28.45 19.47
C ALA A 178 3.62 28.15 18.01
N HIS A 179 2.71 27.53 17.24
CA HIS A 179 2.99 27.20 15.82
C HIS A 179 3.15 28.43 14.92
N ARG A 180 2.34 29.49 15.10
CA ARG A 180 2.60 30.70 14.34
C ARG A 180 3.83 31.47 14.78
N GLU A 181 4.11 31.47 16.07
CA GLU A 181 5.26 32.23 16.59
C GLU A 181 6.62 31.62 16.17
N SER A 182 6.64 30.32 15.94
CA SER A 182 7.87 29.64 15.53
C SER A 182 8.09 29.68 14.03
N PHE A 183 7.10 30.15 13.26
CA PHE A 183 7.21 30.04 11.82
C PHE A 183 8.33 30.88 11.25
N ALA A 184 8.49 32.13 11.71
CA ALA A 184 9.59 32.97 11.22
C ALA A 184 10.94 32.23 11.31
N ARG A 185 11.27 31.56 12.39
CA ARG A 185 12.56 30.86 12.34
C ARG A 185 12.61 29.66 11.42
N ARG A 186 11.51 28.93 11.25
CA ARG A 186 11.52 27.83 10.29
C ARG A 186 11.63 28.38 8.85
N ALA A 187 11.17 29.62 8.65
CA ALA A 187 11.15 30.21 7.31
C ALA A 187 12.37 31.02 6.94
N ALA A 188 13.18 31.36 7.92
CA ALA A 188 14.31 32.29 7.74
C ALA A 188 15.17 31.94 6.54
N PHE A 189 15.42 30.67 6.31
CA PHE A 189 16.30 30.30 5.23
C PHE A 189 15.80 30.81 3.84
N THR A 190 14.51 31.11 3.71
CA THR A 190 13.94 31.48 2.39
C THR A 190 14.21 32.94 2.05
N GLY A 191 14.58 33.72 3.05
CA GLY A 191 14.80 35.16 2.90
C GLY A 191 13.49 35.97 2.82
N VAL A 192 12.32 35.33 2.98
CA VAL A 192 11.06 36.04 2.89
C VAL A 192 10.65 36.45 4.30
N SER A 193 10.44 37.73 4.50
CA SER A 193 10.02 38.23 5.78
C SER A 193 8.65 37.70 6.20
N VAL A 194 8.51 37.42 7.49
CA VAL A 194 7.29 36.82 8.02
C VAL A 194 6.66 37.73 9.03
N GLU A 195 5.35 37.90 8.89
CA GLU A 195 4.58 38.64 9.85
C GLU A 195 3.33 37.85 10.22
N ILE A 196 3.03 37.76 11.49
CA ILE A 196 1.80 37.07 11.94
C ILE A 196 0.62 38.00 11.67
N ALA A 197 -0.42 37.50 11.03
CA ALA A 197 -1.61 38.38 10.70
C ALA A 197 -2.85 37.53 10.75
N GLU A 198 -3.98 38.12 11.12
CA GLU A 198 -5.18 37.37 11.29
C GLU A 198 -5.77 37.05 9.92
N PRO A 199 -6.60 36.02 9.88
CA PRO A 199 -7.13 35.55 8.57
C PRO A 199 -7.84 36.62 7.74
N ALA A 200 -8.57 37.54 8.37
CA ALA A 200 -9.24 38.61 7.64
C ALA A 200 -8.28 39.54 6.91
N ARG A 201 -7.16 39.82 7.56
CA ARG A 201 -6.12 40.60 6.92
C ARG A 201 -5.40 39.83 5.78
N ILE A 202 -5.12 38.56 6.02
CA ILE A 202 -4.43 37.76 5.01
C ILE A 202 -5.30 37.70 3.76
N ALA A 203 -6.61 37.46 3.94
CA ALA A 203 -7.56 37.39 2.85
C ALA A 203 -7.60 38.68 2.04
N ALA A 204 -7.42 39.80 2.70
CA ALA A 204 -7.63 41.06 2.04
C ALA A 204 -6.31 41.60 1.47
N GLU A 205 -5.16 41.21 2.00
CA GLU A 205 -3.92 41.76 1.53
C GLU A 205 -3.09 40.84 0.61
N ALA A 206 -3.32 39.54 0.65
CA ALA A 206 -2.42 38.60 -0.08
C ALA A 206 -2.65 38.65 -1.58
N ASP A 207 -1.59 38.42 -2.33
CA ASP A 207 -1.65 38.16 -3.77
C ASP A 207 -1.87 36.69 -4.08
N VAL A 208 -1.30 35.87 -3.20
CA VAL A 208 -1.35 34.44 -3.28
C VAL A 208 -1.51 33.92 -1.86
N ILE A 209 -2.37 32.89 -1.68
CA ILE A 209 -2.51 32.22 -0.35
C ILE A 209 -2.32 30.70 -0.49
N SER A 210 -1.72 30.06 0.49
CA SER A 210 -1.81 28.64 0.63
C SER A 210 -2.46 28.32 1.99
N THR A 211 -3.56 27.58 1.95
CA THR A 211 -4.18 27.03 3.18
C THR A 211 -3.67 25.60 3.34
N ALA A 212 -3.06 25.33 4.50
CA ALA A 212 -2.48 23.98 4.76
C ALA A 212 -2.62 23.67 6.23
N THR A 213 -3.84 23.32 6.60
CA THR A 213 -4.20 23.18 8.00
C THR A 213 -4.60 21.73 8.31
N SER A 214 -4.51 21.41 9.60
CA SER A 214 -5.13 20.21 10.14
C SER A 214 -6.51 20.45 10.67
N VAL A 215 -7.29 21.32 10.03
CA VAL A 215 -8.65 21.58 10.49
C VAL A 215 -9.46 20.26 10.42
N ALA A 216 -10.25 20.02 11.45
CA ALA A 216 -11.19 18.89 11.46
C ALA A 216 -12.34 19.02 10.48
N VAL A 217 -12.89 17.89 10.15
CA VAL A 217 -14.19 17.86 9.46
C VAL A 217 -15.19 18.65 10.28
N GLY A 218 -15.85 19.63 9.64
CA GLY A 218 -16.86 20.45 10.28
C GLY A 218 -16.35 21.72 10.97
N GLN A 219 -15.04 21.88 11.04
CA GLN A 219 -14.38 23.03 11.63
C GLN A 219 -14.10 23.98 10.47
N GLY A 220 -13.48 25.12 10.69
CA GLY A 220 -13.33 26.06 9.59
C GLY A 220 -14.65 26.75 9.19
N PRO A 221 -14.80 27.50 8.01
CA PRO A 221 -13.61 27.67 7.19
C PRO A 221 -12.44 28.41 7.87
N VAL A 222 -11.27 28.29 7.27
CA VAL A 222 -10.05 28.86 7.82
C VAL A 222 -9.77 30.28 7.36
N LEU A 223 -10.57 30.79 6.43
CA LEU A 223 -10.56 32.24 6.05
C LEU A 223 -12.01 32.65 6.13
N PRO A 224 -12.27 33.91 6.37
CA PRO A 224 -13.64 34.42 6.42
C PRO A 224 -14.19 34.58 5.00
N ASP A 225 -15.52 34.61 4.88
CA ASP A 225 -16.19 34.68 3.60
C ASP A 225 -16.21 36.14 3.16
N THR A 226 -15.03 36.66 2.88
CA THR A 226 -14.83 38.05 2.68
C THR A 226 -14.52 38.52 1.24
N GLY A 227 -14.33 39.85 1.08
CA GLY A 227 -13.82 40.42 -0.18
C GLY A 227 -12.30 40.29 -0.27
N VAL A 228 -11.82 40.04 -1.47
CA VAL A 228 -10.39 39.75 -1.68
C VAL A 228 -9.89 40.58 -2.87
N ARG A 229 -8.58 40.66 -3.03
CA ARG A 229 -8.04 41.32 -4.19
C ARG A 229 -8.46 40.54 -5.42
N GLU A 230 -8.73 41.25 -6.52
CA GLU A 230 -9.33 40.70 -7.70
C GLU A 230 -8.50 39.53 -8.26
N HIS A 231 -7.18 39.63 -8.14
CA HIS A 231 -6.28 38.67 -8.79
C HIS A 231 -5.87 37.54 -7.86
N LEU A 232 -6.42 37.52 -6.62
CA LEU A 232 -6.01 36.49 -5.64
C LEU A 232 -5.96 35.09 -6.22
N HIS A 233 -4.86 34.41 -6.00
CA HIS A 233 -4.79 33.00 -6.24
C HIS A 233 -4.59 32.22 -4.95
N ILE A 234 -5.35 31.14 -4.77
CA ILE A 234 -5.27 30.33 -3.53
C ILE A 234 -4.88 28.90 -3.85
N ASN A 235 -3.88 28.36 -3.15
CA ASN A 235 -3.61 26.95 -3.13
C ASN A 235 -4.30 26.36 -1.92
N ALA A 236 -5.32 25.55 -2.17
CA ALA A 236 -6.05 24.82 -1.07
C ALA A 236 -5.41 23.45 -0.92
N VAL A 237 -4.48 23.35 0.03
CA VAL A 237 -3.63 22.21 0.18
C VAL A 237 -4.05 21.23 1.25
N GLY A 238 -4.73 21.68 2.29
CA GLY A 238 -5.17 20.73 3.32
C GLY A 238 -6.08 19.70 2.67
N ALA A 239 -5.91 18.45 3.08
CA ALA A 239 -6.56 17.31 2.46
C ALA A 239 -6.24 16.09 3.31
N ASP A 240 -7.29 15.42 3.76
CA ASP A 240 -7.15 14.23 4.54
C ASP A 240 -8.41 13.44 4.57
N LEU A 241 -9.35 13.75 5.45
CA LEU A 241 -10.56 13.01 5.59
C LEU A 241 -11.63 13.50 4.64
N VAL A 242 -12.45 12.56 4.14
CA VAL A 242 -13.65 12.96 3.42
C VAL A 242 -14.50 13.78 4.38
N GLY A 243 -14.99 14.94 3.92
CA GLY A 243 -15.60 15.92 4.76
C GLY A 243 -14.78 17.19 4.98
N LYS A 244 -13.48 17.08 4.83
CA LYS A 244 -12.60 18.17 5.28
C LYS A 244 -12.42 19.22 4.18
N THR A 245 -12.73 20.44 4.52
CA THR A 245 -12.53 21.59 3.62
C THR A 245 -11.97 22.77 4.42
N GLU A 246 -11.48 23.78 3.72
CA GLU A 246 -10.85 24.92 4.30
C GLU A 246 -11.45 26.25 3.83
N LEU A 247 -12.01 26.32 2.62
CA LEU A 247 -12.41 27.61 2.11
C LEU A 247 -13.89 27.87 2.30
N PRO A 248 -14.24 29.16 2.45
CA PRO A 248 -15.71 29.41 2.46
C PRO A 248 -16.33 29.17 1.10
N LEU A 249 -17.56 28.69 1.11
CA LEU A 249 -18.24 28.34 -0.10
C LEU A 249 -18.38 29.54 -1.03
N GLY A 250 -18.62 30.72 -0.46
CA GLY A 250 -18.87 31.90 -1.30
C GLY A 250 -17.64 32.35 -2.06
N LEU A 251 -16.48 32.06 -1.51
CA LEU A 251 -15.25 32.33 -2.21
C LEU A 251 -15.03 31.33 -3.35
N LEU A 252 -15.12 30.04 -3.03
CA LEU A 252 -14.99 29.00 -4.02
C LEU A 252 -15.94 29.14 -5.17
N GLU A 253 -17.20 29.47 -4.87
CA GLU A 253 -18.18 29.53 -5.95
C GLU A 253 -17.96 30.68 -6.90
N ARG A 254 -17.14 31.67 -6.56
CA ARG A 254 -16.88 32.68 -7.55
C ARG A 254 -15.44 32.61 -8.12
N ALA A 255 -14.79 31.47 -7.92
CA ALA A 255 -13.40 31.31 -8.35
C ALA A 255 -13.35 30.50 -9.61
N PHE A 256 -12.30 30.67 -10.40
CA PHE A 256 -11.93 29.65 -11.38
C PHE A 256 -11.17 28.56 -10.60
N VAL A 257 -11.65 27.34 -10.65
CA VAL A 257 -11.05 26.24 -9.87
C VAL A 257 -10.37 25.20 -10.72
N THR A 258 -9.08 24.99 -10.48
CA THR A 258 -8.37 23.85 -11.07
C THR A 258 -7.95 22.83 -10.01
N ALA A 259 -8.20 21.57 -10.27
CA ALA A 259 -7.78 20.48 -9.38
C ALA A 259 -6.53 19.80 -9.85
N ASP A 260 -5.71 19.31 -8.94
CA ASP A 260 -4.68 18.41 -9.37
C ASP A 260 -5.20 17.13 -9.96
N HIS A 261 -6.27 16.57 -9.38
CA HIS A 261 -6.78 15.26 -9.70
C HIS A 261 -8.30 15.34 -9.49
N PRO A 262 -9.09 15.58 -10.57
CA PRO A 262 -10.50 16.00 -10.44
C PRO A 262 -11.41 15.03 -9.65
N GLU A 263 -11.24 13.71 -9.86
CA GLU A 263 -12.06 12.72 -9.15
C GLU A 263 -11.70 12.73 -7.65
N GLN A 264 -10.41 12.87 -7.35
CA GLN A 264 -9.96 12.92 -5.99
C GLN A 264 -10.38 14.19 -5.33
N ALA A 265 -10.12 15.30 -5.97
CA ALA A 265 -10.69 16.62 -5.54
C ALA A 265 -12.17 16.61 -5.18
N LEU A 266 -12.98 15.97 -6.01
CA LEU A 266 -14.41 15.94 -5.73
C LEU A 266 -14.74 15.19 -4.48
N ARG A 267 -13.88 14.26 -4.09
CA ARG A 267 -14.09 13.46 -2.93
C ARG A 267 -13.45 14.03 -1.67
N GLU A 268 -12.25 14.57 -1.79
CA GLU A 268 -11.57 14.98 -0.59
C GLU A 268 -10.91 16.34 -0.66
N GLY A 269 -11.24 17.11 -1.73
CA GLY A 269 -10.73 18.43 -1.95
C GLY A 269 -11.77 19.47 -1.63
N GLU A 270 -11.45 20.74 -1.89
CA GLU A 270 -12.46 21.80 -1.81
C GLU A 270 -13.62 21.53 -2.70
N CYS A 271 -13.33 20.82 -3.81
CA CYS A 271 -14.42 20.49 -4.77
C CYS A 271 -15.52 19.59 -4.21
N GLN A 272 -15.33 19.00 -3.03
CA GLN A 272 -16.42 18.36 -2.30
C GLN A 272 -17.58 19.30 -2.09
N GLN A 273 -17.31 20.61 -2.07
CA GLN A 273 -18.36 21.64 -1.83
C GLN A 273 -19.11 22.01 -3.11
N LEU A 274 -18.59 21.59 -4.27
CA LEU A 274 -19.04 22.03 -5.60
C LEU A 274 -19.66 20.87 -6.29
N SER A 275 -20.52 21.14 -7.26
CA SER A 275 -20.92 20.09 -8.17
C SER A 275 -19.82 19.88 -9.21
N ALA A 276 -19.81 18.68 -9.75
CA ALA A 276 -18.72 18.21 -10.61
C ALA A 276 -18.49 19.09 -11.83
N ASP A 277 -19.52 19.83 -12.25
CA ASP A 277 -19.43 20.60 -13.50
C ASP A 277 -18.94 22.00 -13.26
N ARG A 278 -18.71 22.31 -11.98
CA ARG A 278 -18.13 23.59 -11.58
C ARG A 278 -16.61 23.58 -11.56
N LEU A 279 -16.00 22.40 -11.59
CA LEU A 279 -14.54 22.30 -11.66
C LEU A 279 -14.16 22.72 -12.99
N GLY A 280 -13.04 23.41 -13.10
CA GLY A 280 -12.55 23.86 -14.40
C GLY A 280 -11.54 22.85 -14.90
N PRO A 281 -10.69 23.27 -15.85
CA PRO A 281 -9.69 22.35 -16.34
C PRO A 281 -8.69 21.96 -15.28
N GLN A 282 -8.29 20.70 -15.27
CA GLN A 282 -7.32 20.21 -14.32
C GLN A 282 -5.92 20.75 -14.55
N LEU A 283 -5.10 20.66 -13.49
CA LEU A 283 -3.74 21.19 -13.55
C LEU A 283 -2.91 20.70 -14.75
N ALA A 284 -2.93 19.41 -15.03
CA ALA A 284 -2.22 18.88 -16.17
C ALA A 284 -2.63 19.58 -17.49
N HIS A 285 -3.90 19.93 -17.64
CA HIS A 285 -4.37 20.59 -18.86
C HIS A 285 -3.70 21.99 -19.02
N LEU A 286 -3.62 22.73 -17.92
CA LEU A 286 -2.92 24.02 -17.89
C LEU A 286 -1.44 23.85 -18.13
N CYS A 287 -0.86 22.75 -17.65
CA CYS A 287 0.58 22.55 -17.84
C CYS A 287 0.88 22.26 -19.32
N ALA A 288 0.00 21.55 -19.98
CA ALA A 288 0.25 21.24 -21.38
C ALA A 288 -0.11 22.44 -22.25
N ASP A 289 -0.99 23.30 -21.77
CA ASP A 289 -1.41 24.50 -22.53
C ASP A 289 -1.49 25.72 -21.61
N PRO A 290 -0.33 26.27 -21.22
CA PRO A 290 -0.30 27.41 -20.31
C PRO A 290 -1.14 28.60 -20.71
N ALA A 291 -1.41 28.72 -21.99
CA ALA A 291 -2.30 29.77 -22.47
C ALA A 291 -3.68 29.68 -21.88
N ALA A 292 -4.12 28.50 -21.47
CA ALA A 292 -5.44 28.38 -20.89
C ALA A 292 -5.47 29.06 -19.53
N ALA A 293 -4.31 29.25 -18.91
CA ALA A 293 -4.27 29.82 -17.57
C ALA A 293 -4.17 31.34 -17.59
N ALA A 294 -3.64 31.86 -18.68
CA ALA A 294 -3.06 33.22 -18.63
C ALA A 294 -4.15 34.28 -18.33
N GLY A 295 -5.38 34.11 -18.85
CA GLY A 295 -6.47 35.02 -18.47
C GLY A 295 -7.00 34.92 -17.05
N ARG A 296 -6.58 33.90 -16.31
CA ARG A 296 -7.10 33.63 -15.01
C ARG A 296 -6.14 34.08 -13.92
N GLN A 297 -5.03 34.72 -14.30
CA GLN A 297 -4.18 35.38 -13.32
C GLN A 297 -4.85 36.61 -12.71
N ASP A 298 -5.75 37.25 -13.44
CA ASP A 298 -6.26 38.52 -12.97
C ASP A 298 -7.67 38.44 -12.40
N THR A 299 -8.18 37.24 -12.22
CA THR A 299 -9.41 37.07 -11.53
C THR A 299 -9.23 35.95 -10.50
N LEU A 300 -10.22 35.73 -9.65
CA LEU A 300 -10.01 34.82 -8.53
C LEU A 300 -9.81 33.41 -9.02
N SER A 301 -8.77 32.76 -8.48
CA SER A 301 -8.48 31.39 -8.81
C SER A 301 -8.12 30.57 -7.60
N VAL A 302 -8.48 29.30 -7.68
CA VAL A 302 -8.18 28.32 -6.65
C VAL A 302 -7.56 27.07 -7.32
N PHE A 303 -6.41 26.65 -6.81
CA PHE A 303 -5.84 25.32 -7.03
C PHE A 303 -6.21 24.38 -5.89
N ASP A 304 -7.04 23.38 -6.22
CA ASP A 304 -7.50 22.41 -5.28
C ASP A 304 -6.53 21.25 -5.29
N SER A 305 -5.69 21.22 -4.26
CA SER A 305 -4.61 20.24 -4.11
C SER A 305 -4.97 19.12 -3.13
N THR A 306 -4.88 17.87 -3.60
CA THR A 306 -5.07 16.66 -2.78
C THR A 306 -3.82 15.80 -2.65
N GLY A 307 -2.94 15.91 -3.63
CA GLY A 307 -1.77 15.07 -3.76
C GLY A 307 -2.12 13.79 -4.45
N PHE A 308 -1.27 13.36 -5.36
CA PHE A 308 -1.44 12.09 -5.96
C PHE A 308 -0.13 11.41 -6.29
N ALA A 309 -0.19 10.10 -6.42
CA ALA A 309 1.01 9.28 -6.30
C ALA A 309 2.02 9.50 -7.42
N PHE A 310 1.56 9.90 -8.60
CA PHE A 310 2.46 10.27 -9.68
C PHE A 310 3.48 11.31 -9.20
N GLU A 311 3.03 12.23 -8.36
CA GLU A 311 3.93 13.30 -7.88
C GLU A 311 5.03 12.69 -7.03
N ASP A 312 4.65 11.77 -6.13
CA ASP A 312 5.58 10.98 -5.34
C ASP A 312 6.54 10.16 -6.18
N ALA A 313 6.04 9.59 -7.30
CA ALA A 313 6.94 8.81 -8.21
C ALA A 313 8.01 9.67 -8.79
N LEU A 314 7.59 10.83 -9.24
CA LEU A 314 8.51 11.81 -9.83
C LEU A 314 9.51 12.32 -8.79
N ALA A 315 9.05 12.69 -7.61
CA ALA A 315 10.00 13.17 -6.60
C ALA A 315 10.96 12.08 -6.16
N MET A 316 10.46 10.86 -6.06
CA MET A 316 11.33 9.76 -5.70
C MET A 316 12.46 9.57 -6.76
N GLU A 317 12.13 9.71 -8.02
CA GLU A 317 13.15 9.58 -9.07
C GLU A 317 14.25 10.62 -8.91
N VAL A 318 13.87 11.84 -8.55
CA VAL A 318 14.85 12.90 -8.30
C VAL A 318 15.80 12.48 -7.18
N PHE A 319 15.24 11.93 -6.10
CA PHE A 319 16.05 11.50 -4.98
C PHE A 319 16.92 10.33 -5.38
N LEU A 320 16.37 9.37 -6.12
CA LEU A 320 17.16 8.21 -6.50
C LEU A 320 18.32 8.60 -7.42
N GLU A 321 18.11 9.55 -8.31
CA GLU A 321 19.19 10.03 -9.20
C GLU A 321 20.32 10.62 -8.36
N ALA A 322 19.94 11.46 -7.38
CA ALA A 322 20.99 12.12 -6.57
C ALA A 322 21.71 11.15 -5.67
N ALA A 323 20.97 10.17 -5.12
CA ALA A 323 21.54 9.18 -4.26
C ALA A 323 22.50 8.19 -4.99
N ALA A 324 22.12 7.80 -6.19
CA ALA A 324 22.95 6.91 -6.99
C ALA A 324 24.28 7.60 -7.32
N GLU A 325 24.19 8.88 -7.63
CA GLU A 325 25.37 9.64 -8.00
C GLU A 325 26.38 9.70 -6.88
N ARG A 326 25.92 9.67 -5.62
CA ARG A 326 26.76 9.72 -4.45
C ARG A 326 26.88 8.38 -3.71
N ASP A 327 26.59 7.29 -4.42
CA ASP A 327 26.14 6.00 -3.88
C ASP A 327 25.72 5.94 -2.41
N LEU A 328 24.61 6.60 -2.16
CA LEU A 328 23.99 6.58 -0.87
C LEU A 328 23.03 5.40 -0.78
N GLY A 329 22.70 5.06 0.46
CA GLY A 329 21.70 4.05 0.78
C GLY A 329 22.37 2.73 1.06
N ILE A 330 21.57 1.75 1.38
CA ILE A 330 22.04 0.38 1.59
C ILE A 330 21.19 -0.60 0.77
N ARG A 331 21.68 -1.81 0.62
CA ARG A 331 20.95 -2.88 0.01
C ARG A 331 20.58 -3.91 1.07
N VAL A 332 19.29 -4.28 1.12
CA VAL A 332 18.82 -5.33 2.01
C VAL A 332 18.02 -6.32 1.19
N GLY A 333 18.35 -7.61 1.36
CA GLY A 333 17.56 -8.69 0.84
C GLY A 333 16.34 -8.87 1.72
N ILE A 334 15.24 -8.24 1.35
CA ILE A 334 14.04 -8.33 2.16
C ILE A 334 13.15 -9.45 1.68
N GLU A 335 12.82 -9.40 0.38
CA GLU A 335 12.04 -10.44 -0.23
C GLU A 335 12.82 -11.75 -0.27
N HIS A 336 12.14 -12.85 0.00
CA HIS A 336 12.67 -14.19 -0.24
C HIS A 336 12.52 -14.60 -1.72
N HIS A 337 13.66 -14.75 -2.42
CA HIS A 337 13.67 -15.36 -3.72
C HIS A 337 14.27 -16.75 -3.62
N PRO A 338 13.45 -17.80 -3.55
CA PRO A 338 13.97 -19.16 -3.36
C PRO A 338 14.77 -19.63 -4.52
N GLY A 339 15.75 -20.48 -4.24
CA GLY A 339 16.63 -21.01 -5.27
C GLY A 339 15.84 -21.76 -6.32
N ASP A 340 14.72 -22.36 -5.92
CA ASP A 340 13.76 -22.91 -6.85
C ASP A 340 12.43 -22.06 -6.72
N ALA A 341 12.08 -21.38 -7.77
CA ALA A 341 10.93 -20.49 -7.80
C ALA A 341 9.63 -21.19 -7.41
N LEU A 342 9.58 -22.51 -7.53
CA LEU A 342 8.40 -23.28 -7.23
C LEU A 342 8.46 -23.90 -5.85
N ASP A 343 9.47 -23.53 -5.05
CA ASP A 343 9.63 -24.10 -3.73
C ASP A 343 9.80 -23.03 -2.69
N PRO A 344 8.69 -22.66 -2.05
CA PRO A 344 8.80 -21.64 -1.01
C PRO A 344 9.73 -21.97 0.13
N TYR A 345 9.96 -23.25 0.39
CA TYR A 345 10.81 -23.68 1.51
C TYR A 345 12.32 -23.68 1.16
N ALA A 346 12.68 -23.37 -0.09
CA ALA A 346 14.09 -23.39 -0.55
C ALA A 346 14.80 -22.16 -0.06
N LEU A 347 15.13 -22.19 1.23
CA LEU A 347 15.66 -21.04 1.96
C LEU A 347 17.16 -21.13 2.11
N GLN A 348 17.76 -22.04 1.38
CA GLN A 348 19.14 -22.38 1.69
C GLN A 348 20.07 -21.20 1.26
N PRO A 349 21.21 -20.98 2.01
CA PRO A 349 21.62 -21.80 3.17
C PRO A 349 20.96 -21.39 4.49
N LEU A 350 20.68 -22.37 5.35
CA LEU A 350 20.23 -22.12 6.74
C LEU A 350 21.37 -21.44 7.53
N PRO A 351 21.06 -20.40 8.34
CA PRO A 351 22.14 -19.70 9.12
C PRO A 351 22.98 -20.58 10.07
N ARG B 1 7.30 6.90 21.54
CA ARG B 1 6.97 7.11 20.10
C ARG B 1 7.68 8.29 19.49
N GLY B 2 8.70 8.79 20.16
CA GLY B 2 9.40 9.94 19.69
C GLY B 2 10.09 9.66 18.38
N SER B 3 10.69 10.72 17.87
CA SER B 3 11.33 10.74 16.58
C SER B 3 12.50 9.76 16.44
N HIS B 4 13.08 9.37 17.58
CA HIS B 4 14.22 8.47 17.62
C HIS B 4 13.94 7.12 16.94
N MET B 5 12.71 6.63 17.12
CA MET B 5 12.23 5.32 16.62
C MET B 5 12.50 5.01 15.15
N GLU B 6 12.60 3.72 14.91
CA GLU B 6 13.10 3.12 13.66
C GLU B 6 12.28 1.92 13.20
N THR B 7 12.56 1.38 12.03
CA THR B 7 11.82 0.25 11.53
C THR B 7 12.64 -1.03 11.72
N TRP B 8 11.98 -2.05 12.27
CA TRP B 8 12.53 -3.41 12.34
C TRP B 8 12.33 -4.16 11.02
N VAL B 9 13.43 -4.43 10.35
CA VAL B 9 13.39 -5.12 9.09
C VAL B 9 13.89 -6.58 9.28
N LEU B 10 13.04 -7.53 8.93
CA LEU B 10 13.42 -8.96 8.79
C LEU B 10 13.63 -9.31 7.35
N GLY B 11 14.88 -9.58 6.96
CA GLY B 11 15.18 -9.96 5.56
C GLY B 11 15.11 -11.45 5.34
N ARG B 12 15.45 -11.87 4.12
CA ARG B 12 15.39 -13.23 3.70
C ARG B 12 16.19 -14.13 4.67
N ARG B 13 17.26 -13.63 5.26
CA ARG B 13 18.09 -14.51 6.06
C ARG B 13 17.45 -14.72 7.42
N ASP B 14 16.68 -13.74 7.87
CA ASP B 14 16.06 -13.82 9.18
C ASP B 14 14.89 -14.76 9.14
N VAL B 15 14.15 -14.70 8.04
CA VAL B 15 13.06 -15.59 7.84
C VAL B 15 13.53 -17.04 7.72
N ALA B 16 14.66 -17.25 7.02
CA ALA B 16 15.28 -18.55 6.97
C ALA B 16 15.64 -19.07 8.36
N GLU B 17 16.24 -18.20 9.15
CA GLU B 17 16.62 -18.56 10.50
C GLU B 17 15.42 -18.94 11.37
N VAL B 18 14.30 -18.23 11.25
CA VAL B 18 13.03 -18.65 11.94
C VAL B 18 12.63 -20.08 11.58
N VAL B 19 12.62 -20.37 10.28
CA VAL B 19 12.34 -21.72 9.81
C VAL B 19 13.31 -22.78 10.38
N ALA B 20 14.60 -22.47 10.34
CA ALA B 20 15.61 -23.37 10.87
C ALA B 20 15.43 -23.59 12.36
N ALA B 21 15.16 -22.54 13.10
CA ALA B 21 15.11 -22.65 14.51
C ALA B 21 13.82 -23.31 14.95
N VAL B 22 12.69 -22.90 14.37
CA VAL B 22 11.37 -23.40 14.80
C VAL B 22 11.05 -24.76 14.18
N GLY B 23 11.49 -24.92 12.95
CA GLY B 23 11.23 -26.10 12.12
C GLY B 23 9.98 -25.94 11.28
N ARG B 24 9.95 -26.53 10.09
CA ARG B 24 8.86 -26.29 9.13
C ARG B 24 7.51 -26.73 9.71
N ASP B 25 7.47 -27.90 10.35
CA ASP B 25 6.23 -28.43 10.83
C ASP B 25 5.66 -27.54 11.90
N GLU B 26 6.46 -27.21 12.88
CA GLU B 26 5.98 -26.44 14.00
C GLU B 26 5.60 -25.02 13.60
N LEU B 27 6.32 -24.43 12.62
CA LEU B 27 6.03 -23.08 12.19
C LEU B 27 4.65 -23.04 11.55
N MET B 28 4.41 -24.01 10.66
CA MET B 28 3.12 -24.21 10.08
C MET B 28 2.01 -24.48 11.11
N ARG B 29 2.27 -25.33 12.10
CA ARG B 29 1.28 -25.56 13.16
C ARG B 29 0.93 -24.27 13.88
N ARG B 30 1.95 -23.47 14.21
CA ARG B 30 1.72 -22.22 14.85
C ARG B 30 0.80 -21.30 14.03
N ILE B 31 0.98 -21.33 12.72
CA ILE B 31 0.21 -20.45 11.83
C ILE B 31 -1.21 -20.96 11.68
N ILE B 32 -1.35 -22.26 11.56
CA ILE B 32 -2.69 -22.89 11.64
C ILE B 32 -3.43 -22.51 12.92
N ASP B 33 -2.76 -22.66 14.07
CA ASP B 33 -3.38 -22.29 15.34
C ASP B 33 -3.79 -20.82 15.37
N ARG B 34 -2.87 -19.92 14.96
CA ARG B 34 -3.14 -18.52 15.05
C ARG B 34 -4.33 -18.14 14.15
N LEU B 35 -4.36 -18.64 12.93
CA LEU B 35 -5.46 -18.39 12.03
C LEU B 35 -6.72 -18.92 12.60
N THR B 36 -6.70 -20.15 13.11
CA THR B 36 -7.94 -20.74 13.65
C THR B 36 -8.59 -19.82 14.70
N GLY B 37 -7.73 -19.32 15.59
CA GLY B 37 -8.17 -18.54 16.77
C GLY B 37 -8.66 -17.18 16.29
N GLY B 38 -7.93 -16.57 15.33
CA GLY B 38 -8.34 -15.30 14.81
C GLY B 38 -9.63 -15.35 14.00
N LEU B 39 -9.75 -16.35 13.15
CA LEU B 39 -10.99 -16.49 12.37
C LEU B 39 -12.21 -16.67 13.33
N ALA B 40 -11.99 -17.38 14.44
CA ALA B 40 -13.09 -17.67 15.39
C ALA B 40 -13.50 -16.33 16.04
N GLU B 41 -12.54 -15.46 16.34
CA GLU B 41 -12.84 -14.13 16.85
C GLU B 41 -13.70 -13.32 15.86
N ILE B 42 -13.37 -13.41 14.59
CA ILE B 42 -14.25 -12.84 13.55
C ILE B 42 -15.63 -13.45 13.61
N GLY B 43 -15.71 -14.78 13.66
CA GLY B 43 -16.97 -15.44 13.64
C GLY B 43 -17.86 -15.08 14.83
N ARG B 44 -17.26 -14.71 15.95
CA ARG B 44 -17.97 -14.29 17.18
C ARG B 44 -18.26 -12.80 17.20
N GLY B 45 -17.82 -12.07 16.18
CA GLY B 45 -18.13 -10.65 16.09
C GLY B 45 -17.17 -9.78 16.90
N GLU B 46 -16.04 -10.33 17.34
CA GLU B 46 -15.06 -9.59 18.11
C GLU B 46 -14.08 -8.79 17.27
N ARG B 47 -13.97 -9.15 15.99
CA ARG B 47 -13.06 -8.55 15.04
C ARG B 47 -13.73 -8.64 13.69
N HIS B 48 -13.24 -7.85 12.76
CA HIS B 48 -13.85 -7.64 11.47
C HIS B 48 -12.96 -8.19 10.35
N LEU B 49 -13.60 -8.66 9.28
CA LEU B 49 -12.89 -9.00 8.03
C LEU B 49 -12.20 -7.76 7.51
N SER B 50 -11.10 -7.96 6.81
CA SER B 50 -10.34 -6.90 6.18
C SER B 50 -11.15 -6.25 5.05
N PRO B 51 -10.90 -4.97 4.79
CA PRO B 51 -11.44 -4.34 3.60
C PRO B 51 -11.02 -5.15 2.37
N LEU B 52 -11.82 -5.06 1.32
CA LEU B 52 -11.54 -5.73 0.06
C LEU B 52 -10.17 -5.32 -0.41
N ARG B 53 -9.38 -6.27 -0.90
CA ARG B 53 -8.04 -5.96 -1.41
C ARG B 53 -8.20 -5.19 -2.72
N GLY B 54 -7.18 -4.45 -3.09
CA GLY B 54 -7.15 -3.80 -4.40
C GLY B 54 -5.87 -4.04 -5.18
N GLY B 55 -5.89 -3.70 -6.47
CA GLY B 55 -4.69 -3.90 -7.27
C GLY B 55 -4.70 -3.25 -8.61
N LEU B 56 -3.56 -3.39 -9.25
CA LEU B 56 -3.28 -2.92 -10.57
C LEU B 56 -2.91 -4.10 -11.42
N GLU B 57 -3.78 -4.38 -12.38
CA GLU B 57 -3.61 -5.44 -13.32
C GLU B 57 -2.52 -5.04 -14.35
N ARG B 58 -1.75 -6.01 -14.80
CA ARG B 58 -0.65 -5.80 -15.78
C ARG B 58 -0.74 -6.88 -16.78
N SER B 59 -0.76 -6.52 -18.06
CA SER B 59 -1.01 -7.54 -19.08
C SER B 59 0.21 -8.28 -19.55
N GLU B 60 1.36 -7.65 -19.44
CA GLU B 60 2.60 -8.21 -19.94
C GLU B 60 3.57 -8.58 -18.80
N PRO B 61 4.41 -9.72 -18.93
CA PRO B 61 4.29 -10.48 -20.20
C PRO B 61 3.19 -11.55 -20.33
N VAL B 62 2.47 -11.80 -19.26
CA VAL B 62 1.30 -12.66 -19.18
C VAL B 62 0.42 -11.95 -18.15
N PRO B 63 -0.90 -11.98 -18.28
CA PRO B 63 -1.64 -11.07 -17.37
C PRO B 63 -1.48 -11.42 -15.92
N GLY B 64 -1.24 -10.39 -15.14
CA GLY B 64 -1.07 -10.54 -13.67
C GLY B 64 -1.57 -9.33 -12.95
N ILE B 65 -1.29 -9.24 -11.63
CA ILE B 65 -1.86 -8.17 -10.86
C ILE B 65 -0.94 -7.92 -9.69
N TRP B 66 -0.78 -6.65 -9.34
CA TRP B 66 -0.02 -6.25 -8.16
C TRP B 66 -0.95 -5.59 -7.19
N GLU B 67 -1.02 -6.13 -5.97
CA GLU B 67 -2.04 -5.75 -5.02
C GLU B 67 -1.62 -5.23 -3.68
N TRP B 68 -2.52 -4.47 -3.08
CA TRP B 68 -2.32 -3.94 -1.72
C TRP B 68 -3.45 -4.50 -0.84
N MET B 69 -3.08 -4.87 0.39
CA MET B 69 -3.97 -5.62 1.27
C MET B 69 -3.80 -5.08 2.69
N PRO B 70 -4.62 -4.08 3.06
CA PRO B 70 -4.60 -3.48 4.42
C PRO B 70 -5.46 -4.21 5.45
N HIS B 71 -5.01 -4.24 6.69
CA HIS B 71 -5.86 -4.70 7.79
C HIS B 71 -5.53 -3.88 9.04
N ARG B 72 -6.57 -3.31 9.66
CA ARG B 72 -6.36 -2.47 10.86
C ARG B 72 -6.82 -3.19 12.09
N GLU B 73 -5.99 -3.16 13.10
CA GLU B 73 -6.40 -3.53 14.46
C GLU B 73 -6.45 -2.25 15.27
N PRO B 74 -7.65 -1.68 15.48
CA PRO B 74 -7.75 -0.31 15.97
C PRO B 74 -7.01 -0.11 17.26
N GLY B 75 -6.20 0.95 17.34
CA GLY B 75 -5.47 1.19 18.57
C GLY B 75 -4.14 0.45 18.63
N ASP B 76 -3.91 -0.52 17.75
N ASP B 76 -3.89 -0.53 17.76
CA ASP B 76 -2.69 -1.33 17.82
CA ASP B 76 -2.61 -1.20 17.82
C ASP B 76 -1.80 -1.06 16.59
C ASP B 76 -1.82 -0.95 16.53
N HIS B 77 -2.16 -1.65 15.45
CA HIS B 77 -1.36 -1.49 14.24
C HIS B 77 -2.16 -1.82 13.01
N ILE B 78 -1.65 -1.32 11.88
CA ILE B 78 -2.17 -1.58 10.53
C ILE B 78 -1.15 -2.47 9.84
N THR B 79 -1.63 -3.54 9.24
CA THR B 79 -0.77 -4.43 8.42
C THR B 79 -1.07 -4.15 6.97
N LEU B 80 -0.03 -4.06 6.14
CA LEU B 80 -0.24 -3.99 4.68
C LEU B 80 0.64 -5.02 4.01
N LYS B 81 0.01 -5.94 3.30
CA LYS B 81 0.78 -6.77 2.38
C LYS B 81 0.69 -6.16 1.00
N THR B 82 1.84 -6.04 0.37
CA THR B 82 1.97 -5.68 -1.03
C THR B 82 2.46 -6.91 -1.77
N VAL B 83 1.70 -7.37 -2.76
CA VAL B 83 1.93 -8.68 -3.34
C VAL B 83 1.59 -8.71 -4.83
N GLY B 84 2.54 -9.20 -5.63
CA GLY B 84 2.34 -9.43 -7.04
C GLY B 84 2.08 -10.87 -7.38
N TYR B 85 1.23 -11.04 -8.38
CA TYR B 85 1.02 -12.26 -9.04
C TYR B 85 1.49 -12.04 -10.48
N SER B 86 2.55 -12.70 -10.88
CA SER B 86 3.21 -12.49 -12.19
C SER B 86 3.61 -13.87 -12.69
N PRO B 87 2.66 -14.56 -13.33
CA PRO B 87 2.84 -15.99 -13.55
C PRO B 87 3.86 -16.40 -14.58
N ALA B 88 4.46 -15.46 -15.31
CA ALA B 88 5.68 -15.74 -16.13
C ALA B 88 7.00 -15.72 -15.33
N ASN B 89 6.97 -15.29 -14.07
CA ASN B 89 8.17 -15.12 -13.28
C ASN B 89 9.06 -16.39 -13.21
N PRO B 90 8.47 -17.56 -12.96
CA PRO B 90 9.38 -18.73 -12.80
C PRO B 90 10.17 -19.06 -14.09
N ALA B 91 9.47 -19.13 -15.21
CA ALA B 91 10.10 -19.53 -16.45
C ALA B 91 10.90 -18.45 -17.11
N ARG B 92 10.47 -17.21 -17.04
CA ARG B 92 11.22 -16.11 -17.59
C ARG B 92 12.32 -15.55 -16.69
N PHE B 93 12.10 -15.53 -15.38
CA PHE B 93 13.06 -14.84 -14.51
C PHE B 93 13.61 -15.67 -13.39
N GLY B 94 13.18 -16.90 -13.24
CA GLY B 94 13.59 -17.69 -12.10
C GLY B 94 13.13 -17.11 -10.78
N LEU B 95 12.05 -16.31 -10.82
CA LEU B 95 11.49 -15.73 -9.60
C LEU B 95 10.16 -16.39 -9.32
N PRO B 96 9.71 -16.39 -8.06
CA PRO B 96 8.35 -16.91 -7.83
C PRO B 96 7.28 -16.01 -8.44
N THR B 97 6.20 -16.62 -8.84
CA THR B 97 4.99 -15.94 -9.33
C THR B 97 4.44 -14.95 -8.32
N ILE B 98 4.37 -15.38 -7.07
CA ILE B 98 3.94 -14.58 -5.94
C ILE B 98 5.18 -13.98 -5.27
N LEU B 99 5.27 -12.66 -5.33
CA LEU B 99 6.35 -11.89 -4.76
C LEU B 99 5.77 -10.79 -3.94
N GLY B 100 6.09 -10.76 -2.67
CA GLY B 100 5.54 -9.75 -1.81
C GLY B 100 6.27 -9.46 -0.52
N THR B 101 5.75 -8.47 0.19
CA THR B 101 6.33 -8.01 1.42
C THR B 101 5.20 -7.65 2.38
N VAL B 102 5.48 -7.68 3.68
CA VAL B 102 4.41 -7.34 4.67
C VAL B 102 4.94 -6.32 5.63
N ALA B 103 4.21 -5.22 5.74
CA ALA B 103 4.60 -4.16 6.62
C ALA B 103 3.63 -3.93 7.77
N ARG B 104 4.16 -3.39 8.88
CA ARG B 104 3.34 -3.01 10.07
C ARG B 104 3.53 -1.56 10.34
N TYR B 105 2.41 -0.87 10.51
CA TYR B 105 2.41 0.55 10.82
C TYR B 105 1.71 0.76 12.18
N ASP B 106 2.28 1.57 13.03
CA ASP B 106 1.62 1.88 14.30
C ASP B 106 0.28 2.60 14.07
N ASP B 107 -0.82 2.10 14.61
CA ASP B 107 -2.12 2.72 14.41
C ASP B 107 -2.24 4.15 14.90
N THR B 108 -1.54 4.44 15.96
CA THR B 108 -1.70 5.71 16.67
C THR B 108 -1.02 6.82 15.88
N THR B 109 0.25 6.61 15.51
CA THR B 109 1.07 7.60 14.90
C THR B 109 1.27 7.42 13.38
N GLY B 110 0.98 6.22 12.88
CA GLY B 110 1.17 5.90 11.46
C GLY B 110 2.60 5.46 11.10
N ALA B 111 3.51 5.46 12.11
CA ALA B 111 4.95 5.13 11.90
C ALA B 111 5.11 3.71 11.40
N LEU B 112 6.00 3.56 10.42
CA LEU B 112 6.38 2.18 9.92
C LEU B 112 7.22 1.47 10.97
N THR B 113 6.68 0.43 11.63
CA THR B 113 7.45 -0.20 12.70
C THR B 113 8.13 -1.51 12.29
N ALA B 114 7.63 -2.22 11.28
CA ALA B 114 8.24 -3.49 10.90
C ALA B 114 7.97 -3.78 9.45
N LEU B 115 8.91 -4.50 8.85
CA LEU B 115 8.83 -4.85 7.45
C LEU B 115 9.54 -6.18 7.24
N MET B 116 8.91 -7.08 6.49
CA MET B 116 9.46 -8.41 6.28
C MET B 116 9.02 -8.99 4.95
N ASP B 117 9.71 -10.04 4.54
CA ASP B 117 9.34 -10.85 3.42
C ASP B 117 7.90 -11.26 3.51
N GLY B 118 7.25 -11.29 2.36
CA GLY B 118 5.93 -11.83 2.23
C GLY B 118 5.79 -13.11 1.41
N VAL B 119 6.87 -13.56 0.78
CA VAL B 119 6.82 -14.74 -0.03
C VAL B 119 6.59 -16.00 0.78
N LEU B 120 7.50 -16.26 1.73
CA LEU B 120 7.32 -17.44 2.59
C LEU B 120 6.02 -17.32 3.37
N LEU B 121 5.84 -16.20 4.06
CA LEU B 121 4.66 -15.99 4.90
C LEU B 121 3.35 -16.28 4.12
N THR B 122 3.29 -15.82 2.87
CA THR B 122 2.07 -15.98 2.06
C THR B 122 1.89 -17.47 1.84
N ALA B 123 2.90 -18.16 1.37
CA ALA B 123 2.76 -19.62 1.13
C ALA B 123 2.29 -20.37 2.41
N LEU B 124 2.85 -20.01 3.56
CA LEU B 124 2.54 -20.65 4.81
C LEU B 124 1.09 -20.39 5.23
N ARG B 125 0.64 -19.13 5.23
CA ARG B 125 -0.68 -18.85 5.72
C ARG B 125 -1.75 -19.34 4.76
N THR B 126 -1.38 -19.52 3.51
CA THR B 126 -2.36 -20.01 2.48
C THR B 126 -2.56 -21.50 2.60
N GLY B 127 -1.46 -22.23 2.81
CA GLY B 127 -1.58 -23.63 3.18
C GLY B 127 -2.37 -23.78 4.48
N ALA B 128 -2.01 -22.95 5.48
CA ALA B 128 -2.68 -23.00 6.77
C ALA B 128 -4.19 -22.79 6.67
N ALA B 129 -4.61 -21.79 5.89
CA ALA B 129 -6.04 -21.58 5.67
C ALA B 129 -6.76 -22.81 5.09
N SER B 130 -6.19 -23.43 4.04
CA SER B 130 -6.70 -24.68 3.54
C SER B 130 -6.78 -25.74 4.65
N ALA B 131 -5.80 -25.77 5.55
CA ALA B 131 -5.83 -26.76 6.64
C ALA B 131 -6.97 -26.47 7.66
N VAL B 132 -7.19 -25.19 7.96
CA VAL B 132 -8.25 -24.79 8.86
C VAL B 132 -9.57 -25.27 8.25
N ALA B 133 -9.77 -24.95 7.00
CA ALA B 133 -11.01 -25.30 6.30
C ALA B 133 -11.19 -26.81 6.12
N SER B 134 -10.10 -27.50 5.81
CA SER B 134 -10.19 -28.93 5.56
C SER B 134 -10.33 -29.76 6.85
N ARG B 135 -9.74 -29.33 7.94
CA ARG B 135 -9.93 -29.99 9.21
C ARG B 135 -11.43 -30.02 9.53
N LEU B 136 -12.17 -28.96 9.13
CA LEU B 136 -13.61 -28.86 9.34
C LEU B 136 -14.45 -29.59 8.29
N LEU B 137 -14.01 -29.61 7.02
CA LEU B 137 -14.87 -30.05 5.93
C LEU B 137 -14.46 -31.31 5.21
N ALA B 138 -13.25 -31.74 5.39
CA ALA B 138 -12.81 -32.98 4.74
C ALA B 138 -13.06 -34.13 5.76
N ARG B 139 -13.25 -35.33 5.23
CA ARG B 139 -13.26 -36.53 6.08
C ARG B 139 -12.01 -36.62 6.91
N PRO B 140 -12.15 -36.92 8.22
CA PRO B 140 -10.93 -36.95 9.04
C PRO B 140 -9.99 -38.11 8.75
N ASP B 141 -10.47 -39.15 8.07
CA ASP B 141 -9.65 -40.29 7.59
C ASP B 141 -9.25 -40.15 6.11
N SER B 142 -9.34 -38.93 5.56
CA SER B 142 -8.89 -38.67 4.19
C SER B 142 -7.45 -39.12 4.01
N HIS B 143 -7.24 -39.90 2.96
CA HIS B 143 -5.95 -40.49 2.68
C HIS B 143 -5.32 -40.02 1.36
N THR B 144 -6.12 -39.63 0.39
CA THR B 144 -5.58 -39.25 -0.89
C THR B 144 -5.87 -37.75 -1.16
N LEU B 145 -4.80 -37.01 -1.39
CA LEU B 145 -4.91 -35.62 -1.75
C LEU B 145 -4.72 -35.47 -3.24
N GLY B 146 -5.57 -34.69 -3.88
CA GLY B 146 -5.33 -34.31 -5.26
C GLY B 146 -4.82 -32.86 -5.34
N LEU B 147 -3.90 -32.58 -6.25
CA LEU B 147 -3.46 -31.21 -6.47
C LEU B 147 -3.50 -30.90 -7.94
N ILE B 148 -4.16 -29.78 -8.28
CA ILE B 148 -4.17 -29.31 -9.64
C ILE B 148 -3.40 -27.98 -9.63
N GLY B 149 -2.31 -27.95 -10.36
CA GLY B 149 -1.30 -26.89 -10.22
C GLY B 149 -0.28 -27.35 -9.18
N THR B 150 0.96 -27.57 -9.61
CA THR B 150 2.00 -28.04 -8.72
C THR B 150 3.14 -27.04 -8.68
N GLY B 151 2.76 -25.76 -8.57
CA GLY B 151 3.74 -24.71 -8.38
C GLY B 151 4.05 -24.51 -6.90
N ALA B 152 4.27 -23.25 -6.52
CA ALA B 152 4.68 -22.91 -5.16
C ALA B 152 3.63 -23.18 -4.11
N GLN B 153 2.39 -22.73 -4.36
CA GLN B 153 1.35 -22.96 -3.34
C GLN B 153 1.10 -24.45 -3.11
N ALA B 154 1.13 -25.26 -4.16
CA ALA B 154 0.92 -26.67 -3.99
C ALA B 154 1.79 -27.26 -2.86
N VAL B 155 3.07 -26.82 -2.78
CA VAL B 155 3.99 -27.31 -1.77
C VAL B 155 3.42 -27.09 -0.37
N THR B 156 2.89 -25.88 -0.10
CA THR B 156 2.41 -25.61 1.28
C THR B 156 0.98 -26.11 1.47
N GLN B 157 0.23 -26.26 0.37
CA GLN B 157 -1.05 -26.98 0.44
C GLN B 157 -0.81 -28.41 0.94
N LEU B 158 0.08 -29.17 0.28
CA LEU B 158 0.37 -30.52 0.74
C LEU B 158 0.91 -30.53 2.17
N HIS B 159 1.87 -29.66 2.46
CA HIS B 159 2.41 -29.66 3.79
C HIS B 159 1.33 -29.42 4.90
N ALA B 160 0.58 -28.33 4.75
CA ALA B 160 -0.43 -27.96 5.72
C ALA B 160 -1.47 -29.08 5.95
N LEU B 161 -1.97 -29.61 4.84
CA LEU B 161 -3.02 -30.63 4.89
C LEU B 161 -2.46 -31.93 5.48
N SER B 162 -1.18 -32.23 5.27
CA SER B 162 -0.58 -33.44 5.86
C SER B 162 -0.53 -33.31 7.37
N LEU B 163 -0.50 -32.09 7.88
CA LEU B 163 -0.54 -31.85 9.32
C LEU B 163 -1.91 -32.00 10.01
N VAL B 164 -3.00 -31.98 9.25
CA VAL B 164 -4.34 -32.13 9.85
C VAL B 164 -5.08 -33.37 9.36
N LEU B 165 -4.61 -34.00 8.30
CA LEU B 165 -5.23 -35.20 7.78
C LEU B 165 -4.18 -36.30 7.62
N PRO B 166 -4.57 -37.57 7.77
CA PRO B 166 -3.64 -38.72 7.66
C PRO B 166 -3.29 -39.04 6.19
N LEU B 167 -2.82 -38.05 5.46
CA LEU B 167 -2.59 -38.25 4.05
C LEU B 167 -1.47 -39.27 3.79
N GLN B 168 -1.67 -40.12 2.80
CA GLN B 168 -0.68 -41.10 2.40
C GLN B 168 -0.21 -40.90 0.99
N ARG B 169 -1.04 -40.31 0.16
CA ARG B 169 -0.57 -40.09 -1.18
C ARG B 169 -1.21 -38.86 -1.77
N ALA B 170 -0.54 -38.32 -2.78
CA ALA B 170 -0.99 -37.17 -3.51
C ALA B 170 -0.98 -37.53 -4.97
N LEU B 171 -2.07 -37.25 -5.64
CA LEU B 171 -2.15 -37.40 -7.06
C LEU B 171 -2.12 -36.02 -7.68
N VAL B 172 -1.22 -35.79 -8.62
CA VAL B 172 -0.91 -34.41 -8.97
C VAL B 172 -0.87 -34.19 -10.47
N TRP B 173 -1.33 -32.99 -10.83
CA TRP B 173 -1.30 -32.57 -12.23
C TRP B 173 -0.95 -31.11 -12.38
N ASP B 174 -0.27 -30.81 -13.46
CA ASP B 174 0.03 -29.44 -13.88
C ASP B 174 0.10 -29.48 -15.40
N THR B 175 -0.29 -28.42 -16.07
CA THR B 175 -0.23 -28.36 -17.54
C THR B 175 1.20 -28.17 -18.04
N ASP B 176 2.12 -27.79 -17.16
CA ASP B 176 3.53 -27.72 -17.54
C ASP B 176 4.26 -29.04 -17.07
N PRO B 177 4.70 -29.87 -18.02
CA PRO B 177 5.25 -31.19 -17.66
C PRO B 177 6.44 -31.08 -16.70
N ALA B 178 7.25 -30.02 -16.85
CA ALA B 178 8.39 -29.86 -16.01
C ALA B 178 7.95 -29.60 -14.54
N HIS B 179 6.88 -28.84 -14.39
CA HIS B 179 6.39 -28.44 -13.05
C HIS B 179 5.76 -29.61 -12.33
N ARG B 180 5.06 -30.49 -13.06
CA ARG B 180 4.48 -31.69 -12.39
C ARG B 180 5.56 -32.74 -12.11
N GLU B 181 6.56 -32.80 -12.96
CA GLU B 181 7.68 -33.75 -12.76
C GLU B 181 8.64 -33.41 -11.64
N SER B 182 8.74 -32.14 -11.27
CA SER B 182 9.59 -31.73 -10.12
C SER B 182 8.85 -31.77 -8.78
N PHE B 183 7.54 -32.02 -8.79
CA PHE B 183 6.80 -31.89 -7.56
C PHE B 183 7.20 -32.93 -6.48
N ALA B 184 7.39 -34.20 -6.90
CA ALA B 184 7.87 -35.23 -5.97
C ALA B 184 9.07 -34.76 -5.14
N ARG B 185 10.05 -34.14 -5.78
CA ARG B 185 11.21 -33.69 -5.09
C ARG B 185 10.89 -32.56 -4.14
N ARG B 186 10.08 -31.60 -4.57
CA ARG B 186 9.72 -30.49 -3.70
C ARG B 186 8.86 -30.92 -2.56
N ALA B 187 8.18 -32.06 -2.70
CA ALA B 187 7.25 -32.55 -1.74
C ALA B 187 7.82 -33.61 -0.79
N ALA B 188 8.98 -34.14 -1.15
CA ALA B 188 9.60 -35.24 -0.41
C ALA B 188 9.68 -35.03 1.08
N PHE B 189 9.99 -33.82 1.55
CA PHE B 189 10.09 -33.60 3.02
C PHE B 189 8.82 -33.97 3.77
N THR B 190 7.67 -34.03 3.05
CA THR B 190 6.38 -34.29 3.76
C THR B 190 6.19 -35.77 4.06
N GLY B 191 6.95 -36.62 3.37
CA GLY B 191 6.75 -38.07 3.51
C GLY B 191 5.54 -38.63 2.81
N VAL B 192 4.81 -37.77 2.09
CA VAL B 192 3.63 -38.17 1.39
C VAL B 192 4.03 -38.55 -0.02
N SER B 193 3.67 -39.74 -0.43
CA SER B 193 4.02 -40.26 -1.74
C SER B 193 3.31 -39.47 -2.86
N VAL B 194 4.03 -39.17 -3.93
CA VAL B 194 3.48 -38.38 -4.99
C VAL B 194 3.40 -39.16 -6.29
N GLU B 195 2.27 -39.08 -6.98
CA GLU B 195 2.11 -39.66 -8.29
C GLU B 195 1.42 -38.72 -9.24
N ILE B 196 1.92 -38.61 -10.46
CA ILE B 196 1.31 -37.76 -11.47
C ILE B 196 0.03 -38.46 -12.00
N ALA B 197 -1.05 -37.71 -12.08
CA ALA B 197 -2.34 -38.28 -12.54
C ALA B 197 -3.09 -37.22 -13.27
N GLU B 198 -3.83 -37.61 -14.32
CA GLU B 198 -4.66 -36.63 -15.07
C GLU B 198 -5.83 -36.15 -14.23
N PRO B 199 -6.40 -34.97 -14.55
CA PRO B 199 -7.42 -34.37 -13.68
C PRO B 199 -8.65 -35.27 -13.44
N ALA B 200 -9.09 -36.00 -14.48
CA ALA B 200 -10.23 -36.88 -14.36
C ALA B 200 -9.97 -37.98 -13.33
N ARG B 201 -8.75 -38.45 -13.25
CA ARG B 201 -8.40 -39.50 -12.29
C ARG B 201 -8.31 -38.87 -10.89
N ILE B 202 -7.74 -37.66 -10.79
CA ILE B 202 -7.70 -36.95 -9.52
C ILE B 202 -9.10 -36.74 -8.98
N ALA B 203 -10.01 -36.30 -9.84
CA ALA B 203 -11.39 -36.07 -9.44
C ALA B 203 -12.02 -37.38 -8.90
N ALA B 204 -11.78 -38.46 -9.61
CA ALA B 204 -12.41 -39.74 -9.26
C ALA B 204 -11.88 -40.32 -7.95
N GLU B 205 -10.59 -40.11 -7.66
CA GLU B 205 -9.91 -40.78 -6.57
C GLU B 205 -9.65 -40.01 -5.31
N ALA B 206 -9.64 -38.65 -5.38
CA ALA B 206 -9.20 -37.89 -4.22
C ALA B 206 -10.23 -37.82 -3.14
N ASP B 207 -9.77 -37.76 -1.91
CA ASP B 207 -10.64 -37.44 -0.78
C ASP B 207 -10.71 -35.91 -0.53
N VAL B 208 -9.62 -35.24 -0.82
CA VAL B 208 -9.55 -33.78 -0.72
C VAL B 208 -8.67 -33.35 -1.89
N ILE B 209 -9.00 -32.19 -2.44
CA ILE B 209 -8.28 -31.60 -3.56
C ILE B 209 -7.95 -30.14 -3.26
N SER B 210 -6.78 -29.69 -3.67
CA SER B 210 -6.51 -28.26 -3.73
C SER B 210 -6.19 -27.90 -5.21
N THR B 211 -6.84 -26.88 -5.70
CA THR B 211 -6.53 -26.29 -6.97
C THR B 211 -5.78 -24.97 -6.68
N ALA B 212 -4.60 -24.85 -7.27
CA ALA B 212 -3.76 -23.65 -7.13
C ALA B 212 -2.94 -23.42 -8.38
N THR B 213 -3.62 -22.87 -9.39
CA THR B 213 -3.03 -22.73 -10.72
C THR B 213 -2.93 -21.29 -11.11
N SER B 214 -2.06 -21.03 -12.10
CA SER B 214 -1.99 -19.75 -12.80
C SER B 214 -2.84 -19.75 -14.09
N VAL B 215 -4.00 -20.41 -14.07
CA VAL B 215 -4.91 -20.44 -15.22
C VAL B 215 -5.33 -18.98 -15.49
N ALA B 216 -5.44 -18.67 -16.75
CA ALA B 216 -5.84 -17.35 -17.22
C ALA B 216 -7.33 -17.16 -17.06
N VAL B 217 -7.71 -15.90 -17.21
CA VAL B 217 -9.10 -15.49 -17.17
C VAL B 217 -9.91 -16.24 -18.23
N GLY B 218 -11.01 -16.84 -17.80
CA GLY B 218 -11.92 -17.49 -18.73
C GLY B 218 -11.40 -18.81 -19.26
N GLN B 219 -10.29 -19.31 -18.76
CA GLN B 219 -9.72 -20.54 -19.27
C GLN B 219 -9.91 -21.77 -18.34
N GLY B 220 -10.77 -21.64 -17.36
CA GLY B 220 -11.15 -22.74 -16.50
C GLY B 220 -12.25 -23.57 -17.15
N PRO B 221 -12.66 -24.80 -16.59
CA PRO B 221 -12.05 -25.16 -15.32
C PRO B 221 -10.76 -25.96 -15.40
N VAL B 222 -10.08 -26.13 -14.30
CA VAL B 222 -8.87 -26.92 -14.27
C VAL B 222 -9.10 -28.36 -13.80
N LEU B 223 -10.31 -28.63 -13.35
CA LEU B 223 -10.73 -29.94 -12.88
C LEU B 223 -12.07 -30.21 -13.56
N PRO B 224 -12.16 -31.33 -14.31
CA PRO B 224 -13.39 -31.54 -15.08
C PRO B 224 -14.51 -32.01 -14.18
N ASP B 225 -15.76 -31.80 -14.57
CA ASP B 225 -16.88 -32.33 -13.80
C ASP B 225 -17.14 -33.78 -14.23
N THR B 226 -16.39 -34.75 -13.71
CA THR B 226 -16.33 -36.07 -14.35
C THR B 226 -16.80 -37.23 -13.47
N GLY B 227 -17.26 -36.96 -12.27
CA GLY B 227 -17.46 -38.02 -11.28
C GLY B 227 -16.45 -37.82 -10.15
N VAL B 228 -16.95 -37.58 -8.93
CA VAL B 228 -16.12 -37.40 -7.75
C VAL B 228 -16.68 -38.24 -6.62
N ARG B 229 -15.86 -38.49 -5.61
CA ARG B 229 -16.35 -39.22 -4.45
C ARG B 229 -17.25 -38.29 -3.66
N GLU B 230 -18.24 -38.89 -3.03
CA GLU B 230 -19.31 -38.21 -2.38
C GLU B 230 -18.83 -37.22 -1.31
N HIS B 231 -17.80 -37.62 -0.61
CA HIS B 231 -17.33 -36.85 0.54
C HIS B 231 -16.25 -35.77 0.12
N LEU B 232 -16.01 -35.61 -1.16
CA LEU B 232 -14.87 -34.83 -1.62
C LEU B 232 -14.97 -33.43 -1.03
N HIS B 233 -13.85 -32.95 -0.53
CA HIS B 233 -13.69 -31.55 -0.18
C HIS B 233 -12.64 -30.87 -1.05
N ILE B 234 -12.95 -29.69 -1.57
CA ILE B 234 -12.01 -29.00 -2.45
C ILE B 234 -11.68 -27.67 -1.89
N ASN B 235 -10.39 -27.38 -1.78
CA ASN B 235 -9.91 -26.02 -1.59
C ASN B 235 -9.58 -25.35 -2.93
N ALA B 236 -10.41 -24.39 -3.34
CA ALA B 236 -10.14 -23.58 -4.51
C ALA B 236 -9.27 -22.37 -4.09
N VAL B 237 -7.97 -22.44 -4.41
CA VAL B 237 -6.97 -21.49 -3.92
C VAL B 237 -6.53 -20.46 -4.98
N GLY B 238 -6.50 -20.85 -6.25
CA GLY B 238 -6.20 -19.96 -7.30
C GLY B 238 -7.06 -18.70 -7.15
N ALA B 239 -6.39 -17.54 -7.23
CA ALA B 239 -7.07 -16.23 -7.03
C ALA B 239 -6.08 -15.16 -7.47
N ASP B 240 -6.52 -14.36 -8.42
CA ASP B 240 -5.75 -13.21 -8.81
C ASP B 240 -6.64 -12.21 -9.54
N LEU B 241 -6.82 -12.39 -10.84
CA LEU B 241 -7.62 -11.51 -11.68
C LEU B 241 -9.13 -11.80 -11.56
N VAL B 242 -9.93 -10.74 -11.55
CA VAL B 242 -11.34 -10.85 -11.71
C VAL B 242 -11.56 -11.58 -13.01
N GLY B 243 -12.44 -12.58 -12.99
CA GLY B 243 -12.61 -13.45 -14.13
C GLY B 243 -11.93 -14.82 -14.02
N LYS B 244 -10.99 -14.99 -13.08
CA LYS B 244 -10.28 -16.28 -12.98
C LYS B 244 -11.07 -17.27 -12.12
N THR B 245 -11.38 -18.42 -12.71
CA THR B 245 -11.96 -19.54 -11.93
C THR B 245 -11.31 -20.86 -12.31
N GLU B 246 -11.47 -21.85 -11.42
CA GLU B 246 -10.82 -23.12 -11.59
C GLU B 246 -11.80 -24.32 -11.54
N LEU B 247 -12.97 -24.16 -10.93
CA LEU B 247 -13.85 -25.31 -10.76
C LEU B 247 -14.99 -25.28 -11.75
N PRO B 248 -15.47 -26.46 -12.13
CA PRO B 248 -16.62 -26.42 -13.03
C PRO B 248 -17.91 -26.02 -12.34
N LEU B 249 -18.74 -25.25 -13.04
CA LEU B 249 -20.01 -24.80 -12.49
C LEU B 249 -20.94 -25.92 -11.98
N GLY B 250 -20.99 -27.03 -12.68
CA GLY B 250 -21.83 -28.19 -12.26
C GLY B 250 -21.49 -28.76 -10.89
N LEU B 251 -20.21 -28.72 -10.55
CA LEU B 251 -19.74 -29.19 -9.27
C LEU B 251 -20.05 -28.15 -8.19
N LEU B 252 -19.68 -26.90 -8.47
CA LEU B 252 -19.92 -25.84 -7.50
C LEU B 252 -21.38 -25.75 -7.13
N GLU B 253 -22.24 -25.83 -8.13
CA GLU B 253 -23.69 -25.72 -7.90
C GLU B 253 -24.28 -26.78 -6.99
N ARG B 254 -23.59 -27.90 -6.79
CA ARG B 254 -24.08 -28.91 -5.87
C ARG B 254 -23.26 -29.09 -4.59
N ALA B 255 -22.34 -28.16 -4.34
CA ALA B 255 -21.51 -28.20 -3.19
C ALA B 255 -22.02 -27.31 -2.08
N PHE B 256 -21.65 -27.63 -0.86
CA PHE B 256 -21.64 -26.69 0.24
C PHE B 256 -20.40 -25.76 0.11
N VAL B 257 -20.62 -24.46 -0.06
CA VAL B 257 -19.52 -23.58 -0.33
C VAL B 257 -19.27 -22.65 0.87
N THR B 258 -18.05 -22.71 1.42
CA THR B 258 -17.63 -21.77 2.43
C THR B 258 -16.55 -20.85 1.84
N ALA B 259 -16.77 -19.55 1.87
CA ALA B 259 -15.77 -18.55 1.43
C ALA B 259 -14.92 -18.04 2.60
N ASP B 260 -13.64 -17.75 2.35
CA ASP B 260 -12.84 -17.03 3.38
C ASP B 260 -13.34 -15.65 3.69
N HIS B 261 -13.82 -14.97 2.67
CA HIS B 261 -14.24 -13.56 2.76
C HIS B 261 -15.32 -13.44 1.68
N PRO B 262 -16.59 -13.56 2.07
CA PRO B 262 -17.64 -13.69 1.07
C PRO B 262 -17.75 -12.57 0.03
N GLU B 263 -17.67 -11.32 0.46
CA GLU B 263 -17.68 -10.24 -0.53
C GLU B 263 -16.52 -10.33 -1.53
N GLN B 264 -15.32 -10.67 -1.05
CA GLN B 264 -14.20 -10.81 -1.95
C GLN B 264 -14.33 -12.07 -2.84
N ALA B 265 -14.81 -13.19 -2.27
CA ALA B 265 -15.00 -14.41 -3.03
C ALA B 265 -16.00 -14.23 -4.17
N LEU B 266 -17.08 -13.49 -3.90
CA LEU B 266 -18.07 -13.21 -4.90
C LEU B 266 -17.48 -12.37 -6.05
N ARG B 267 -16.44 -11.60 -5.75
CA ARG B 267 -15.80 -10.83 -6.80
C ARG B 267 -14.70 -11.60 -7.54
N GLU B 268 -13.90 -12.38 -6.82
CA GLU B 268 -12.73 -12.97 -7.45
C GLU B 268 -12.42 -14.44 -7.13
N GLY B 269 -13.31 -15.09 -6.39
CA GLY B 269 -13.21 -16.54 -6.08
C GLY B 269 -14.05 -17.37 -7.02
N GLU B 270 -14.19 -18.63 -6.71
CA GLU B 270 -15.16 -19.45 -7.40
C GLU B 270 -16.59 -18.91 -7.27
N CYS B 271 -16.85 -18.15 -6.21
CA CYS B 271 -18.18 -17.61 -5.96
C CYS B 271 -18.57 -16.54 -6.98
N GLN B 272 -17.61 -16.12 -7.81
CA GLN B 272 -17.96 -15.44 -9.05
C GLN B 272 -19.04 -16.13 -9.86
N GLN B 273 -19.04 -17.45 -9.77
CA GLN B 273 -19.98 -18.29 -10.53
C GLN B 273 -21.33 -18.48 -9.88
N LEU B 274 -21.50 -17.99 -8.65
CA LEU B 274 -22.66 -18.29 -7.86
C LEU B 274 -23.37 -17.00 -7.44
N SER B 275 -24.60 -17.09 -7.05
CA SER B 275 -25.24 -15.95 -6.40
C SER B 275 -24.99 -15.99 -4.91
N ALA B 276 -25.07 -14.82 -4.29
CA ALA B 276 -24.75 -14.67 -2.90
C ALA B 276 -25.54 -15.58 -1.96
N ASP B 277 -26.78 -15.88 -2.31
CA ASP B 277 -27.64 -16.64 -1.43
C ASP B 277 -27.36 -18.10 -1.53
N ARG B 278 -26.54 -18.53 -2.49
CA ARG B 278 -26.14 -19.93 -2.53
C ARG B 278 -24.96 -20.27 -1.63
N LEU B 279 -24.33 -19.27 -1.05
CA LEU B 279 -23.16 -19.54 -0.19
C LEU B 279 -23.56 -20.12 1.16
N GLY B 280 -22.81 -21.11 1.61
CA GLY B 280 -22.93 -21.51 3.00
C GLY B 280 -22.27 -20.51 3.94
N PRO B 281 -22.22 -20.84 5.23
CA PRO B 281 -21.55 -19.94 6.18
C PRO B 281 -20.07 -19.79 5.83
N GLN B 282 -19.54 -18.62 6.11
CA GLN B 282 -18.15 -18.25 5.82
C GLN B 282 -17.19 -18.94 6.80
N LEU B 283 -15.90 -18.94 6.46
CA LEU B 283 -14.94 -19.69 7.22
C LEU B 283 -14.88 -19.23 8.67
N ALA B 284 -14.95 -17.93 8.89
CA ALA B 284 -14.92 -17.42 10.24
C ALA B 284 -16.10 -17.94 11.11
N HIS B 285 -17.25 -18.04 10.51
CA HIS B 285 -18.41 -18.54 11.16
C HIS B 285 -18.17 -20.04 11.54
N LEU B 286 -17.61 -20.84 10.62
CA LEU B 286 -17.27 -22.23 10.94
C LEU B 286 -16.23 -22.33 12.05
N CYS B 287 -15.26 -21.44 12.07
CA CYS B 287 -14.26 -21.47 13.12
C CYS B 287 -14.90 -21.15 14.52
N ALA B 288 -15.85 -20.22 14.56
CA ALA B 288 -16.54 -19.88 15.82
C ALA B 288 -17.49 -20.99 16.28
N ASP B 289 -17.99 -21.72 15.30
CA ASP B 289 -18.91 -22.81 15.58
C ASP B 289 -18.82 -23.89 14.51
N PRO B 290 -17.90 -24.85 14.72
CA PRO B 290 -17.63 -25.91 13.76
C PRO B 290 -18.93 -26.67 13.34
N ALA B 291 -19.94 -26.72 14.20
CA ALA B 291 -21.19 -27.44 13.82
C ALA B 291 -22.02 -26.76 12.75
N ALA B 292 -21.72 -25.51 12.43
CA ALA B 292 -22.31 -24.92 11.26
C ALA B 292 -21.88 -25.66 9.98
N ALA B 293 -20.89 -26.54 10.08
CA ALA B 293 -20.53 -27.44 8.96
C ALA B 293 -20.98 -28.89 9.17
N ALA B 294 -21.91 -29.12 10.11
CA ALA B 294 -22.32 -30.46 10.47
C ALA B 294 -22.76 -31.25 9.26
N GLY B 295 -22.22 -32.45 9.08
CA GLY B 295 -22.67 -33.31 8.00
C GLY B 295 -21.91 -33.04 6.70
N ARG B 296 -21.12 -31.98 6.67
CA ARG B 296 -20.56 -31.55 5.37
C ARG B 296 -19.24 -32.22 5.06
N GLN B 297 -18.74 -33.03 5.99
CA GLN B 297 -17.58 -33.86 5.72
C GLN B 297 -17.92 -35.04 4.85
N ASP B 298 -19.19 -35.46 4.84
CA ASP B 298 -19.58 -36.62 4.03
C ASP B 298 -20.27 -36.28 2.72
N THR B 299 -20.39 -34.98 2.41
CA THR B 299 -20.97 -34.54 1.15
C THR B 299 -20.01 -33.53 0.48
N LEU B 300 -20.28 -33.17 -0.77
CA LEU B 300 -19.34 -32.38 -1.50
C LEU B 300 -19.21 -30.98 -0.85
N SER B 301 -17.99 -30.54 -0.60
CA SER B 301 -17.77 -29.22 -0.08
C SER B 301 -16.63 -28.51 -0.83
N VAL B 302 -16.70 -27.18 -0.78
CA VAL B 302 -15.68 -26.34 -1.39
C VAL B 302 -15.34 -25.19 -0.46
N PHE B 303 -14.04 -25.01 -0.19
CA PHE B 303 -13.54 -23.87 0.52
C PHE B 303 -13.03 -22.94 -0.60
N ASP B 304 -13.73 -21.81 -0.76
CA ASP B 304 -13.33 -20.78 -1.71
C ASP B 304 -12.35 -19.80 -1.07
N SER B 305 -11.08 -19.94 -1.46
CA SER B 305 -9.96 -19.21 -0.88
C SER B 305 -9.44 -18.07 -1.81
N THR B 306 -9.40 -16.87 -1.27
CA THR B 306 -8.91 -15.68 -1.98
C THR B 306 -7.68 -15.04 -1.32
N GLY B 307 -7.56 -15.18 0.00
CA GLY B 307 -6.54 -14.53 0.79
C GLY B 307 -6.93 -13.12 1.25
N PHE B 308 -6.79 -12.87 2.54
CA PHE B 308 -7.13 -11.59 3.05
C PHE B 308 -6.15 -11.20 4.12
N ALA B 309 -5.96 -9.87 4.27
CA ALA B 309 -4.84 -9.33 5.01
C ALA B 309 -4.78 -9.71 6.49
N PHE B 310 -5.93 -9.94 7.11
CA PHE B 310 -5.95 -10.44 8.51
C PHE B 310 -5.12 -11.73 8.67
N GLU B 311 -5.17 -12.59 7.65
CA GLU B 311 -4.36 -13.81 7.66
C GLU B 311 -2.88 -13.51 7.64
N ASP B 312 -2.51 -12.47 6.90
CA ASP B 312 -1.11 -12.02 6.85
C ASP B 312 -0.68 -11.40 8.14
N ALA B 313 -1.57 -10.62 8.77
CA ALA B 313 -1.24 -10.00 10.08
C ALA B 313 -0.97 -11.05 11.12
N LEU B 314 -1.82 -12.06 11.19
CA LEU B 314 -1.64 -13.17 12.12
C LEU B 314 -0.37 -13.95 11.87
N ALA B 315 -0.07 -14.26 10.61
CA ALA B 315 1.19 -14.97 10.29
C ALA B 315 2.38 -14.10 10.61
N MET B 316 2.26 -12.79 10.35
CA MET B 316 3.35 -11.90 10.68
C MET B 316 3.62 -11.88 12.19
N GLU B 317 2.59 -11.93 13.01
CA GLU B 317 2.82 -11.93 14.46
C GLU B 317 3.62 -13.18 14.87
N VAL B 318 3.28 -14.33 14.32
CA VAL B 318 4.05 -15.54 14.58
C VAL B 318 5.54 -15.40 14.23
N PHE B 319 5.81 -14.84 13.05
CA PHE B 319 7.21 -14.54 12.73
C PHE B 319 7.90 -13.53 13.67
N LEU B 320 7.24 -12.44 13.97
CA LEU B 320 7.85 -11.40 14.82
C LEU B 320 8.05 -11.93 16.24
N GLU B 321 7.18 -12.80 16.73
CA GLU B 321 7.42 -13.43 18.05
C GLU B 321 8.67 -14.31 18.08
N ALA B 322 8.83 -15.16 17.08
CA ALA B 322 9.97 -16.05 16.99
C ALA B 322 11.25 -15.27 16.70
N ALA B 323 11.13 -14.25 15.87
CA ALA B 323 12.28 -13.40 15.59
C ALA B 323 12.76 -12.55 16.78
N ALA B 324 11.82 -12.03 17.55
CA ALA B 324 12.13 -11.27 18.76
C ALA B 324 12.83 -12.17 19.80
N GLU B 325 12.31 -13.37 19.97
CA GLU B 325 12.94 -14.35 20.85
C GLU B 325 14.42 -14.64 20.49
N ARG B 326 14.79 -14.55 19.22
CA ARG B 326 16.16 -14.84 18.76
C ARG B 326 16.96 -13.60 18.44
N ASP B 327 16.40 -12.44 18.76
CA ASP B 327 17.03 -11.21 18.40
C ASP B 327 17.37 -10.98 16.93
N LEU B 328 16.49 -11.33 16.02
CA LEU B 328 16.84 -11.24 14.62
C LEU B 328 16.46 -9.91 13.99
N GLY B 329 17.02 -9.69 12.83
CA GLY B 329 16.65 -8.56 11.98
C GLY B 329 17.49 -7.37 12.29
N ILE B 330 17.23 -6.28 11.58
CA ILE B 330 17.98 -5.04 11.78
C ILE B 330 17.03 -3.90 12.06
N ARG B 331 17.54 -2.79 12.58
CA ARG B 331 16.75 -1.61 12.75
C ARG B 331 17.30 -0.61 11.74
N VAL B 332 16.42 0.02 10.95
CA VAL B 332 16.80 1.08 9.99
C VAL B 332 15.87 2.29 10.20
N GLY B 333 16.45 3.47 10.37
CA GLY B 333 15.74 4.70 10.34
C GLY B 333 15.40 5.00 8.87
N ILE B 334 14.23 4.57 8.45
CA ILE B 334 13.78 4.80 7.08
C ILE B 334 13.01 6.12 7.01
N GLU B 335 11.99 6.23 7.86
CA GLU B 335 11.20 7.43 8.00
C GLU B 335 11.95 8.57 8.64
N HIS B 336 11.83 9.77 8.06
CA HIS B 336 12.38 11.02 8.59
C HIS B 336 11.46 11.52 9.71
N HIS B 337 11.98 11.60 10.94
CA HIS B 337 11.26 12.20 12.04
C HIS B 337 12.03 13.47 12.49
N PRO B 338 11.71 14.61 11.91
CA PRO B 338 12.54 15.77 12.12
C PRO B 338 12.55 16.17 13.58
N GLY B 339 13.64 16.75 14.01
CA GLY B 339 13.78 17.19 15.41
C GLY B 339 12.74 18.19 15.82
N ASP B 340 12.27 18.96 14.85
CA ASP B 340 11.16 19.84 15.05
C ASP B 340 10.07 19.31 14.13
N ALA B 341 8.97 18.85 14.73
CA ALA B 341 7.96 18.12 14.00
C ALA B 341 7.31 18.95 12.88
N LEU B 342 7.43 20.27 12.99
CA LEU B 342 6.78 21.19 12.04
C LEU B 342 7.77 21.74 11.02
N ASP B 343 8.95 21.13 10.93
CA ASP B 343 9.98 21.58 10.03
C ASP B 343 10.51 20.39 9.21
N PRO B 344 9.94 20.19 8.02
CA PRO B 344 10.41 19.10 7.23
C PRO B 344 11.93 19.16 6.92
N TYR B 345 12.51 20.33 6.93
CA TYR B 345 13.96 20.46 6.61
C TYR B 345 14.87 20.26 7.87
N ALA B 346 14.27 19.99 9.04
CA ALA B 346 15.10 19.73 10.24
C ALA B 346 15.70 18.33 10.19
N LEU B 347 16.60 18.13 9.24
CA LEU B 347 17.19 16.82 8.98
C LEU B 347 18.50 16.80 9.72
N GLN B 348 19.10 15.63 9.87
CA GLN B 348 20.41 15.57 10.50
C GLN B 348 21.41 14.78 9.73
N PRO B 349 22.09 15.55 8.79
CA PRO B 349 23.11 14.80 8.06
C PRO B 349 24.35 14.61 8.92
N LEU B 350 25.25 13.75 8.49
CA LEU B 350 26.46 13.48 9.21
C LEU B 350 27.25 14.78 9.47
N PRO B 351 27.84 14.99 10.63
CA PRO B 351 28.56 16.21 10.83
C PRO B 351 29.79 16.34 9.92
N LEU B 352 30.16 17.56 9.62
CA LEU B 352 31.32 17.82 8.77
C LEU B 352 32.62 17.75 9.60
N PRO B 353 33.69 17.25 9.00
CA PRO B 353 34.99 17.17 9.72
C PRO B 353 35.45 18.53 10.20
N LEU B 354 36.06 18.59 11.37
CA LEU B 354 36.53 19.84 11.89
C LEU B 354 37.95 20.17 11.54
N ALA B 355 38.76 19.16 11.25
CA ALA B 355 40.20 19.40 11.19
C ALA B 355 40.52 19.97 9.81
N ALA B 356 41.60 20.74 9.72
CA ALA B 356 42.05 21.29 8.47
C ALA B 356 42.51 20.17 7.53
N PRO B 357 42.24 20.33 6.22
CA PRO B 357 42.71 19.36 5.22
C PRO B 357 44.16 19.58 4.85
PA NAD C . 0.86 20.03 10.58
O1A NAD C . 2.35 20.17 10.52
O2A NAD C . 0.12 19.39 11.71
O5B NAD C . 0.38 21.55 10.42
C5B NAD C . -1.02 21.87 10.40
C4B NAD C . -1.27 23.19 11.13
O4B NAD C . -2.61 23.60 10.91
C3B NAD C . -1.08 23.13 12.64
O3B NAD C . -0.02 23.98 12.98
C2B NAD C . -2.44 23.46 13.20
O2B NAD C . -2.36 24.07 14.47
C1B NAD C . -3.00 24.32 12.08
N9A NAD C . -4.43 24.48 12.06
C8A NAD C . -5.38 23.58 12.42
N7A NAD C . -6.62 24.14 12.28
C5A NAD C . -6.43 25.37 11.79
C6A NAD C . -7.28 26.50 11.46
N6A NAD C . -8.62 26.39 11.55
N1A NAD C . -6.70 27.61 11.03
C2A NAD C . -5.36 27.75 10.95
N3A NAD C . -4.52 26.78 11.30
C4A NAD C . -5.00 25.61 11.73
O3 NAD C . 0.30 19.29 9.22
PN NAD C . 0.89 19.54 7.74
O1N NAD C . 1.31 20.95 7.56
O2N NAD C . 1.89 18.47 7.41
O5D NAD C . -0.40 19.18 6.87
C5D NAD C . -1.48 20.11 6.76
C4D NAD C . -2.56 19.65 5.80
O4D NAD C . -1.98 19.45 4.47
C3D NAD C . -3.15 18.31 6.19
O3D NAD C . -4.52 18.30 5.81
C2D NAD C . -2.36 17.32 5.37
O2D NAD C . -2.95 16.05 5.22
C1D NAD C . -2.31 18.11 4.08
N1N NAD C . -1.38 17.62 3.08
C2N NAD C . -1.79 17.73 1.81
C3N NAD C . -0.95 17.31 0.78
C7N NAD C . -1.38 17.58 -0.61
O7N NAD C . -2.29 18.42 -0.90
N7N NAD C . -0.62 17.08 -1.54
C4N NAD C . 0.30 16.69 1.08
C5N NAD C . 0.71 16.67 2.45
C6N NAD C . -0.17 17.12 3.42
N LYS D . -11.80 5.46 3.19
CA LYS D . -11.70 6.17 1.89
C LYS D . -11.34 5.14 0.80
O LYS D . -11.88 5.21 -0.32
CB LYS D . -10.67 7.31 2.00
CG LYS D . -10.15 7.90 0.71
CD LYS D . -8.85 8.75 0.94
CE LYS D . -9.15 10.12 1.53
NZ LYS D . -8.07 11.19 1.35
OXT LYS D . -10.59 4.19 1.02
PA NAD E . 3.05 -20.86 -9.51
O1A NAD E . 4.22 -21.21 -8.61
O2A NAD E . 3.29 -20.09 -10.79
O5B NAD E . 2.21 -22.18 -9.78
C5B NAD E . 1.02 -22.23 -10.55
C4B NAD E . 1.05 -23.42 -11.52
O4B NAD E . -0.20 -23.55 -12.22
C3B NAD E . 2.16 -23.45 -12.57
O3B NAD E . 2.98 -24.61 -12.28
C2B NAD E . 1.36 -23.56 -13.89
O2B NAD E . 1.96 -24.38 -14.88
C1B NAD E . 0.09 -24.23 -13.41
N9A NAD E . -1.09 -24.16 -14.27
C8A NAD E . -1.49 -23.09 -15.02
N7A NAD E . -2.66 -23.40 -15.66
C5A NAD E . -2.99 -24.65 -15.26
C6A NAD E . -4.08 -25.56 -15.56
N6A NAD E . -5.03 -25.18 -16.42
N1A NAD E . -4.08 -26.80 -15.01
C2A NAD E . -3.09 -27.18 -14.19
N3A NAD E . -2.06 -26.40 -13.87
C4A NAD E . -1.97 -25.15 -14.39
O3 NAD E . 1.94 -20.00 -8.69
PN NAD E . 1.49 -20.17 -7.14
O1N NAD E . 2.28 -19.24 -6.24
O2N NAD E . 1.40 -21.63 -6.82
O5D NAD E . 0.02 -19.52 -7.25
C5D NAD E . -1.04 -20.28 -7.76
C4D NAD E . -2.35 -19.55 -7.56
O4D NAD E . -2.60 -19.39 -6.12
C3D NAD E . -2.35 -18.12 -8.14
O3D NAD E . -3.64 -17.80 -8.67
C2D NAD E . -2.08 -17.25 -6.93
O2D NAD E . -2.44 -15.84 -7.08
C1D NAD E . -2.92 -18.01 -5.91
N1N NAD E . -2.70 -17.63 -4.55
C2N NAD E . -3.77 -17.66 -3.71
C3N NAD E . -3.64 -17.32 -2.39
C7N NAD E . -4.79 -17.34 -1.46
O7N NAD E . -4.69 -16.92 -0.32
N7N NAD E . -5.89 -17.94 -1.89
C4N NAD E . -2.40 -16.93 -1.91
C5N NAD E . -1.28 -17.05 -2.77
C6N NAD E . -1.43 -17.41 -4.09
N LYS F . -8.41 -3.79 -10.06
CA LYS F . -9.28 -4.42 -9.03
C LYS F . -9.51 -3.47 -7.88
O LYS F . -8.62 -2.76 -7.41
CB LYS F . -8.66 -5.73 -8.53
CG LYS F . -9.43 -6.41 -7.40
CD LYS F . -8.57 -7.44 -6.69
CE LYS F . -8.42 -8.70 -7.50
NZ LYS F . -7.81 -9.81 -6.72
OXT LYS F . -10.60 -3.38 -7.38
#